data_3HG1
#
_entry.id   3HG1
#
_cell.length_a   120.898
_cell.length_b   120.898
_cell.length_c   81.980
_cell.angle_alpha   90.000
_cell.angle_beta   90.000
_cell.angle_gamma   90.000
#
_symmetry.space_group_name_H-M   'P 43'
#
loop_
_entity.id
_entity.type
_entity.pdbx_description
1 polymer 'MHC class I antigen'
2 polymer Beta-2-microglobulin
3 polymer CANCER/MART-1
4 polymer 'T-CELL RECEPTOR, ALPHA CHAIN'
5 polymer 'T-cell Receptor, Beta Chain'
6 non-polymer GLYCEROL
7 non-polymer 'SULFATE ION'
8 water water
#
loop_
_entity_poly.entity_id
_entity_poly.type
_entity_poly.pdbx_seq_one_letter_code
_entity_poly.pdbx_strand_id
1 'polypeptide(L)'
;GSHSMRYFFTSVSRPGRGEPRFIAVGYVDDTQFVRFDSDAASQRMEPRAPWIEQEGPEYWDGETRKVKAHSQTHRVDLGT
LRGYYNQSEAGSHTVQRMYGCDVGSDWRFLRGYHQYAYDGKDYIALKEDLRSWTAADMAAQTTKHKWEAAHVAEQLRAYL
EGTCVEWLRRYLENGKETLQRTDAPKTHMTHHAVSDHEATLRCWALSFYPAEITLTWQRDGEDQTQDTELVETRPAGDGT
FQKWAAVVVPSGQEQRYTCHVQHEGLPKPLTLRWEP
;
A
2 'polypeptide(L)'
;MIQRTPKIQVYSRHPAENGKSNFLNCYVSGFHPSDIEVDLLKNGERIEKVEHSDLSFSKDWSFYLLYYTEFTPTEKDEYA
CRVNHVTLSQPKIVKWDRDM
;
B
3 'polypeptide(L)' ELAGIGILTV C
4 'polypeptide(L)'
;QEVEQNSGPLSVPEGAIASLNCTYSDRGSQSFFWYRQYSGKSPELIMFIYSNGDKEDGRFTAQLNKASQYVSLLIRDSQP
SDSATYLCAVNVAGKSTFGDGTTLTVKPNIQNPDPAVYQLRDSKSSDKSVCLFTDFDSQTNVSQSKDSDVYITDKCVLDM
RSMDFKSNSAVAWSNKSDFACANAFNNSIIPEDT
;
D
5 'polypeptide(L)'
;SQTIHQWPATLVQPVGSPLSLECTVEGTSNPNLYWYRQAAGRGLQLLFYSVGIGQISSEVPQNLSASRPQDRQFILSSKK
LLLSDSGFYLCAWSETGLGTGELFFGEGSRLTVLEDLKNVFPPEVAVFEPSEAEISHTQKATLVCLATGFYPDHVELSWW
VNGKEVHSGVCTDPQPLKEQPALNDSRYALSSRLRVSATFWQDPRNHFRCQVQFYGLSENDEWTQDRAKPVTQIVSAEAW
GRAD
;
E
#
loop_
_chem_comp.id
_chem_comp.type
_chem_comp.name
_chem_comp.formula
GOL non-polymer GLYCEROL 'C3 H8 O3'
SO4 non-polymer 'SULFATE ION' 'O4 S -2'
#
# COMPACT_ATOMS: atom_id res chain seq x y z
N GLY A 1 -11.38 22.90 23.53
CA GLY A 1 -11.29 23.75 22.31
C GLY A 1 -10.94 22.93 21.10
N SER A 2 -11.15 23.49 19.93
CA SER A 2 -10.85 22.81 18.67
C SER A 2 -9.43 22.31 18.66
N HIS A 3 -9.19 21.29 17.85
CA HIS A 3 -7.87 20.73 17.71
C HIS A 3 -7.67 20.39 16.25
N SER A 4 -6.51 19.86 15.92
CA SER A 4 -6.25 19.50 14.55
C SER A 4 -4.89 18.94 14.35
N MET A 5 -4.70 18.27 13.24
CA MET A 5 -3.40 17.76 12.88
C MET A 5 -3.25 17.92 11.39
N ARG A 6 -2.21 18.64 10.98
CA ARG A 6 -1.96 18.93 9.58
C ARG A 6 -0.65 18.34 9.15
N TYR A 7 -0.49 18.22 7.85
CA TYR A 7 0.76 17.74 7.27
C TYR A 7 1.18 18.69 6.17
N PHE A 8 2.39 19.22 6.29
CA PHE A 8 2.95 20.16 5.31
C PHE A 8 4.07 19.51 4.52
N PHE A 9 4.00 19.63 3.20
CA PHE A 9 4.99 19.03 2.33
C PHE A 9 5.56 20.04 1.36
N THR A 10 6.88 20.15 1.30
CA THR A 10 7.54 21.06 0.39
C THR A 10 8.62 20.32 -0.39
N SER A 11 8.63 20.49 -1.70
CA SER A 11 9.64 19.84 -2.54
C SER A 11 10.24 20.85 -3.52
N VAL A 12 11.56 21.02 -3.47
CA VAL A 12 12.23 21.97 -4.34
C VAL A 12 13.24 21.28 -5.27
N SER A 13 13.04 21.47 -6.57
CA SER A 13 13.92 20.91 -7.57
C SER A 13 15.28 21.63 -7.56
N ARG A 14 16.35 20.86 -7.77
CA ARG A 14 17.69 21.41 -7.76
C ARG A 14 18.41 21.03 -9.03
N PRO A 15 17.87 21.43 -10.17
CA PRO A 15 18.46 21.09 -11.42
C PRO A 15 19.94 21.21 -11.38
N GLY A 16 20.63 20.13 -11.77
CA GLY A 16 22.06 20.14 -11.81
C GLY A 16 22.71 19.44 -10.65
N ARG A 17 21.94 19.17 -9.58
CA ARG A 17 22.52 18.48 -8.42
C ARG A 17 21.53 17.72 -7.54
N GLY A 18 21.29 16.45 -7.89
CA GLY A 18 20.44 15.55 -7.09
C GLY A 18 18.95 15.76 -7.13
N GLU A 19 18.22 14.80 -6.56
CA GLU A 19 16.77 14.86 -6.51
C GLU A 19 16.32 16.03 -5.71
N PRO A 20 15.10 16.45 -5.92
CA PRO A 20 14.56 17.56 -5.24
C PRO A 20 14.69 17.38 -3.78
N ARG A 21 14.57 18.45 -3.03
CA ARG A 21 14.62 18.34 -1.62
C ARG A 21 13.21 18.16 -1.10
N PHE A 22 13.06 17.21 -0.18
CA PHE A 22 11.78 16.91 0.36
C PHE A 22 11.76 17.10 1.85
N ILE A 23 10.91 18.01 2.30
CA ILE A 23 10.77 18.25 3.71
C ILE A 23 9.33 18.22 4.07
N ALA A 24 8.97 17.24 4.88
CA ALA A 24 7.62 17.07 5.35
C ALA A 24 7.60 17.20 6.84
N VAL A 25 6.54 17.80 7.36
CA VAL A 25 6.41 18.00 8.79
C VAL A 25 4.99 17.78 9.25
N GLY A 26 4.83 17.20 10.42
CA GLY A 26 3.51 16.94 10.98
C GLY A 26 3.24 17.69 12.28
N TYR A 27 2.05 18.25 12.38
CA TYR A 27 1.63 19.00 13.56
C TYR A 27 0.30 18.51 14.13
N VAL A 28 0.12 18.79 15.40
CA VAL A 28 -1.14 18.59 16.07
C VAL A 28 -1.32 19.92 16.76
N ASP A 29 -2.27 20.71 16.30
CA ASP A 29 -2.46 22.04 16.82
C ASP A 29 -1.21 22.83 16.48
N ASP A 30 -0.58 23.42 17.48
CA ASP A 30 0.66 24.21 17.28
C ASP A 30 1.82 23.43 17.77
N THR A 31 1.83 22.13 17.55
CA THR A 31 2.92 21.30 18.03
C THR A 31 3.37 20.31 17.01
N GLN A 32 4.65 20.35 16.69
CA GLN A 32 5.21 19.44 15.73
C GLN A 32 5.45 18.08 16.41
N PHE A 33 5.14 16.98 15.71
CA PHE A 33 5.33 15.66 16.29
C PHE A 33 6.09 14.70 15.37
N VAL A 34 6.37 15.14 14.15
CA VAL A 34 7.12 14.30 13.19
C VAL A 34 7.70 15.13 12.08
N ARG A 35 8.75 14.59 11.42
CA ARG A 35 9.39 15.30 10.34
C ARG A 35 10.17 14.36 9.46
N PHE A 36 10.53 14.84 8.28
CA PHE A 36 11.35 14.07 7.33
C PHE A 36 12.04 15.05 6.44
N ASP A 37 13.30 14.81 6.16
CA ASP A 37 14.07 15.70 5.33
C ASP A 37 15.02 14.90 4.49
N SER A 38 14.66 14.74 3.21
CA SER A 38 15.46 13.93 2.29
C SER A 38 16.94 14.26 2.37
N ASP A 39 17.27 15.42 2.96
CA ASP A 39 18.68 15.81 3.10
C ASP A 39 19.30 15.31 4.39
N ALA A 40 18.55 14.55 5.16
CA ALA A 40 19.06 13.98 6.38
C ALA A 40 19.56 12.59 6.05
N ALA A 41 20.44 12.05 6.89
CA ALA A 41 20.99 10.70 6.65
C ALA A 41 19.95 9.69 7.03
N SER A 42 19.30 9.94 8.16
CA SER A 42 18.27 9.07 8.66
C SER A 42 17.44 8.41 7.56
N GLN A 43 16.86 9.23 6.69
CA GLN A 43 16.00 8.71 5.63
C GLN A 43 14.84 7.93 6.26
N ARG A 44 14.30 8.51 7.33
CA ARG A 44 13.23 7.90 8.09
C ARG A 44 12.34 9.02 8.63
N MET A 45 11.06 8.73 8.84
CA MET A 45 10.17 9.73 9.46
C MET A 45 10.58 9.77 10.90
N GLU A 46 10.97 10.93 11.38
CA GLU A 46 11.45 11.05 12.74
C GLU A 46 10.45 11.76 13.63
N PRO A 47 10.54 11.49 14.92
CA PRO A 47 9.69 12.07 15.92
C PRO A 47 10.16 13.47 16.31
N ARG A 48 9.28 14.26 16.91
CA ARG A 48 9.61 15.62 17.32
C ARG A 48 8.83 15.97 18.58
N ALA A 49 8.38 14.95 19.29
CA ALA A 49 7.61 15.13 20.51
C ALA A 49 7.63 13.83 21.32
N PRO A 50 7.56 13.96 22.65
CA PRO A 50 7.58 12.82 23.56
C PRO A 50 6.53 11.75 23.21
N TRP A 51 5.26 12.07 23.45
CA TRP A 51 4.17 11.14 23.19
C TRP A 51 4.30 10.36 21.90
N ILE A 52 4.58 11.04 20.80
CA ILE A 52 4.68 10.38 19.49
C ILE A 52 5.73 9.24 19.45
N GLU A 53 6.75 9.34 20.30
CA GLU A 53 7.80 8.31 20.31
C GLU A 53 7.26 6.98 20.75
N GLN A 54 6.30 7.00 21.64
CA GLN A 54 5.70 5.79 22.15
C GLN A 54 5.26 4.85 21.01
N GLU A 55 4.92 5.43 19.86
CA GLU A 55 4.48 4.65 18.70
C GLU A 55 5.45 3.51 18.38
N GLY A 56 4.92 2.39 17.90
CA GLY A 56 5.73 1.21 17.60
C GLY A 56 6.48 1.28 16.28
N PRO A 57 7.45 0.40 16.10
CA PRO A 57 8.28 0.30 14.92
C PRO A 57 7.48 0.14 13.62
N GLU A 58 6.37 -0.56 13.68
CA GLU A 58 5.55 -0.74 12.50
C GLU A 58 5.11 0.62 12.05
N TYR A 59 4.86 1.49 13.03
CA TYR A 59 4.44 2.83 12.78
C TYR A 59 5.42 3.53 11.84
N TRP A 60 6.63 3.75 12.34
CA TRP A 60 7.67 4.44 11.58
C TRP A 60 7.93 3.79 10.19
N ASP A 61 8.12 2.48 10.16
CA ASP A 61 8.31 1.79 8.90
C ASP A 61 7.17 2.18 7.98
N GLY A 62 5.97 2.27 8.55
CA GLY A 62 4.78 2.63 7.79
C GLY A 62 4.78 4.09 7.39
N GLU A 63 5.00 4.95 8.36
CA GLU A 63 5.01 6.36 8.10
C GLU A 63 6.13 6.73 7.17
N THR A 64 7.26 6.04 7.31
CA THR A 64 8.39 6.32 6.44
C THR A 64 8.05 5.94 5.01
N ARG A 65 7.51 4.73 4.80
CA ARG A 65 7.11 4.32 3.45
C ARG A 65 6.19 5.35 2.83
N LYS A 66 5.17 5.77 3.57
CA LYS A 66 4.22 6.76 3.08
C LYS A 66 4.91 8.03 2.62
N VAL A 67 5.58 8.70 3.55
CA VAL A 67 6.23 9.96 3.26
C VAL A 67 7.11 9.85 2.00
N LYS A 68 7.88 8.78 1.90
CA LYS A 68 8.72 8.60 0.74
C LYS A 68 7.86 8.55 -0.49
N ALA A 69 6.66 8.00 -0.36
CA ALA A 69 5.74 7.92 -1.47
C ALA A 69 5.30 9.32 -1.82
N HIS A 70 4.94 10.11 -0.80
CA HIS A 70 4.55 11.49 -1.02
C HIS A 70 5.67 12.18 -1.81
N SER A 71 6.89 11.95 -1.36
CA SER A 71 8.04 12.52 -1.97
C SER A 71 8.17 12.14 -3.42
N GLN A 72 7.90 10.89 -3.72
CA GLN A 72 8.06 10.43 -5.09
C GLN A 72 7.03 11.05 -6.00
N THR A 73 5.83 11.25 -5.50
CA THR A 73 4.77 11.85 -6.27
C THR A 73 5.16 13.28 -6.61
N HIS A 74 5.67 14.00 -5.62
CA HIS A 74 6.12 15.38 -5.82
C HIS A 74 7.19 15.46 -6.90
N ARG A 75 8.19 14.58 -6.84
CA ARG A 75 9.24 14.55 -7.84
C ARG A 75 8.63 14.49 -9.21
N VAL A 76 7.84 13.46 -9.45
CA VAL A 76 7.17 13.27 -10.73
C VAL A 76 6.49 14.55 -11.16
N ASP A 77 5.73 15.14 -10.24
CA ASP A 77 5.04 16.39 -10.52
C ASP A 77 5.99 17.42 -11.06
N LEU A 78 6.92 17.85 -10.21
CA LEU A 78 7.90 18.85 -10.59
C LEU A 78 8.21 18.79 -12.08
N GLY A 79 8.25 17.60 -12.62
CA GLY A 79 8.49 17.43 -14.00
C GLY A 79 7.29 17.87 -14.78
N THR A 80 6.16 17.27 -14.46
CA THR A 80 4.92 17.58 -15.13
C THR A 80 4.65 19.08 -15.22
N LEU A 81 4.73 19.77 -14.08
CA LEU A 81 4.44 21.20 -14.04
C LEU A 81 5.30 22.03 -15.04
N ARG A 82 6.62 21.79 -15.06
CA ARG A 82 7.45 22.48 -16.04
C ARG A 82 6.78 22.31 -17.36
N GLY A 83 6.38 21.08 -17.64
CA GLY A 83 5.72 20.77 -18.86
C GLY A 83 4.53 21.64 -19.10
N TYR A 84 3.57 21.61 -18.19
CA TYR A 84 2.36 22.39 -18.35
C TYR A 84 2.65 23.86 -18.55
N TYR A 85 3.70 24.34 -17.90
CA TYR A 85 4.04 25.77 -17.97
C TYR A 85 5.23 26.06 -18.87
N ASN A 86 5.41 25.29 -19.92
CA ASN A 86 6.54 25.51 -20.81
C ASN A 86 7.68 26.22 -20.10
N GLN A 87 8.39 25.51 -19.24
CA GLN A 87 9.51 26.10 -18.54
C GLN A 87 10.77 25.20 -18.62
N SER A 88 11.93 25.85 -18.79
CA SER A 88 13.20 25.13 -18.98
C SER A 88 13.57 24.26 -17.82
N GLU A 89 14.43 23.30 -18.10
CA GLU A 89 14.88 22.36 -17.11
C GLU A 89 15.83 23.02 -16.12
N ALA A 90 16.27 24.23 -16.46
CA ALA A 90 17.25 24.98 -15.64
C ALA A 90 16.71 25.50 -14.31
N GLY A 91 15.68 26.31 -14.38
CA GLY A 91 15.09 26.92 -13.19
C GLY A 91 14.78 25.95 -12.06
N SER A 92 14.54 26.51 -10.87
CA SER A 92 14.17 25.74 -9.71
C SER A 92 12.73 26.05 -9.41
N HIS A 93 11.96 25.04 -9.05
CA HIS A 93 10.57 25.25 -8.77
C HIS A 93 10.15 24.61 -7.48
N THR A 94 8.96 24.93 -7.03
CA THR A 94 8.52 24.45 -5.77
C THR A 94 7.14 23.89 -5.79
N VAL A 95 6.97 22.75 -5.11
CA VAL A 95 5.68 22.10 -4.98
C VAL A 95 5.36 21.98 -3.52
N GLN A 96 4.15 22.40 -3.16
CA GLN A 96 3.70 22.36 -1.77
C GLN A 96 2.36 21.65 -1.61
N ARG A 97 2.20 20.95 -0.47
CA ARG A 97 0.97 20.23 -0.18
C ARG A 97 0.67 20.30 1.30
N MET A 98 -0.60 20.51 1.63
CA MET A 98 -1.03 20.60 3.03
C MET A 98 -2.40 20.05 3.20
N TYR A 99 -2.55 19.13 4.14
CA TYR A 99 -3.84 18.58 4.45
C TYR A 99 -3.95 18.29 5.95
N GLY A 100 -5.17 18.33 6.49
CA GLY A 100 -5.36 18.12 7.91
C GLY A 100 -6.81 18.05 8.40
N CYS A 101 -6.94 17.90 9.71
CA CYS A 101 -8.22 17.77 10.38
C CYS A 101 -8.51 18.85 11.34
N ASP A 102 -9.78 19.19 11.42
CA ASP A 102 -10.25 20.12 12.40
C ASP A 102 -11.33 19.41 13.15
N VAL A 103 -11.27 19.46 14.48
CA VAL A 103 -12.31 18.85 15.30
C VAL A 103 -12.75 19.85 16.33
N GLY A 104 -13.97 19.68 16.83
CA GLY A 104 -14.53 20.58 17.81
C GLY A 104 -14.20 20.23 19.23
N SER A 105 -14.70 21.03 20.16
CA SER A 105 -14.47 20.82 21.55
C SER A 105 -14.89 19.44 21.93
N ASP A 106 -15.76 18.87 21.11
CA ASP A 106 -16.27 17.53 21.36
C ASP A 106 -15.46 16.51 20.59
N TRP A 107 -14.29 16.92 20.12
CA TRP A 107 -13.39 16.02 19.37
C TRP A 107 -14.09 15.41 18.19
N ARG A 108 -15.19 16.03 17.76
CA ARG A 108 -15.91 15.56 16.59
C ARG A 108 -15.40 16.26 15.34
N PHE A 109 -15.74 15.70 14.19
CA PHE A 109 -15.30 16.25 12.92
C PHE A 109 -15.93 17.61 12.64
N LEU A 110 -15.14 18.55 12.12
CA LEU A 110 -15.61 19.89 11.75
C LEU A 110 -15.42 20.12 10.27
N ARG A 111 -14.18 19.99 9.81
CA ARG A 111 -13.89 20.17 8.39
C ARG A 111 -12.61 19.48 8.01
N GLY A 112 -12.45 19.26 6.71
CA GLY A 112 -11.26 18.63 6.18
C GLY A 112 -10.69 19.48 5.07
N TYR A 113 -9.42 19.30 4.77
CA TYR A 113 -8.80 20.08 3.73
C TYR A 113 -7.57 19.47 3.16
N HIS A 114 -7.34 19.73 1.89
CA HIS A 114 -6.17 19.22 1.18
C HIS A 114 -5.83 20.19 0.04
N GLN A 115 -4.76 20.97 0.24
CA GLN A 115 -4.37 22.00 -0.72
C GLN A 115 -3.01 21.73 -1.34
N TYR A 116 -2.85 22.16 -2.59
CA TYR A 116 -1.64 21.95 -3.34
C TYR A 116 -1.26 23.26 -4.01
N ALA A 117 0.03 23.59 -4.03
CA ALA A 117 0.50 24.84 -4.62
C ALA A 117 1.79 24.66 -5.41
N TYR A 118 1.98 25.50 -6.42
CA TYR A 118 3.17 25.44 -7.25
C TYR A 118 3.77 26.83 -7.40
N ASP A 119 5.08 26.93 -7.18
CA ASP A 119 5.79 28.21 -7.24
C ASP A 119 5.11 29.31 -6.36
N GLY A 120 4.68 28.92 -5.16
CA GLY A 120 4.09 29.85 -4.22
C GLY A 120 2.66 30.25 -4.49
N LYS A 121 2.03 29.61 -5.48
CA LYS A 121 0.65 29.94 -5.81
C LYS A 121 -0.27 28.71 -5.82
N ASP A 122 -1.55 28.94 -5.50
CA ASP A 122 -2.57 27.88 -5.47
C ASP A 122 -2.63 27.16 -6.78
N TYR A 123 -2.56 25.84 -6.73
CA TYR A 123 -2.65 25.04 -7.93
C TYR A 123 -4.00 24.34 -8.02
N ILE A 124 -4.35 23.63 -6.96
CA ILE A 124 -5.62 22.92 -6.90
C ILE A 124 -5.91 22.56 -5.47
N ALA A 125 -7.16 22.77 -5.06
CA ALA A 125 -7.55 22.46 -3.71
C ALA A 125 -8.88 21.78 -3.68
N LEU A 126 -9.10 21.00 -2.63
CA LEU A 126 -10.36 20.28 -2.43
C LEU A 126 -11.28 21.20 -1.62
N LYS A 127 -12.53 21.36 -2.06
CA LYS A 127 -13.45 22.22 -1.34
C LYS A 127 -13.86 21.64 0.02
N GLU A 128 -14.54 22.47 0.81
CA GLU A 128 -15.01 22.11 2.16
C GLU A 128 -15.79 20.78 2.16
N ASP A 129 -16.67 20.61 1.17
CA ASP A 129 -17.50 19.41 1.04
C ASP A 129 -16.69 18.19 0.73
N LEU A 130 -15.36 18.31 0.82
CA LEU A 130 -14.47 17.16 0.55
C LEU A 130 -14.97 16.43 -0.70
N ARG A 131 -15.38 17.18 -1.70
CA ARG A 131 -15.98 16.63 -2.90
C ARG A 131 -15.55 17.35 -4.20
N SER A 132 -15.53 18.68 -4.15
CA SER A 132 -15.23 19.48 -5.31
C SER A 132 -13.81 19.98 -5.35
N TRP A 133 -13.36 20.32 -6.54
CA TRP A 133 -12.01 20.83 -6.74
C TRP A 133 -11.99 22.24 -7.28
N THR A 134 -11.08 23.05 -6.75
CA THR A 134 -10.92 24.42 -7.22
C THR A 134 -9.62 24.53 -8.04
N ALA A 135 -9.76 24.60 -9.35
CA ALA A 135 -8.61 24.69 -10.24
C ALA A 135 -8.15 26.16 -10.41
N ALA A 136 -6.90 26.42 -10.03
CA ALA A 136 -6.34 27.78 -10.08
C ALA A 136 -6.25 28.36 -11.48
N ASP A 137 -5.65 27.62 -12.40
CA ASP A 137 -5.48 28.09 -13.75
C ASP A 137 -5.81 27.02 -14.75
N MET A 138 -5.40 27.24 -15.98
CA MET A 138 -5.67 26.32 -17.05
C MET A 138 -4.97 25.00 -16.79
N ALA A 139 -3.80 25.06 -16.20
CA ALA A 139 -3.04 23.86 -15.91
C ALA A 139 -3.77 22.98 -14.92
N ALA A 140 -4.10 23.55 -13.76
CA ALA A 140 -4.82 22.81 -12.72
C ALA A 140 -6.08 22.09 -13.29
N GLN A 141 -6.75 22.71 -14.28
CA GLN A 141 -7.92 22.10 -14.90
C GLN A 141 -7.59 20.70 -15.37
N THR A 142 -6.49 20.56 -16.09
CA THR A 142 -6.05 19.27 -16.54
C THR A 142 -5.97 18.29 -15.36
N THR A 143 -5.35 18.74 -14.27
CA THR A 143 -5.21 17.91 -13.11
C THR A 143 -6.54 17.55 -12.44
N LYS A 144 -7.46 18.52 -12.29
CA LYS A 144 -8.71 18.21 -11.61
C LYS A 144 -9.62 17.37 -12.48
N HIS A 145 -9.26 17.19 -13.74
CA HIS A 145 -10.06 16.35 -14.60
C HIS A 145 -9.63 14.89 -14.44
N LYS A 146 -8.35 14.65 -14.24
CA LYS A 146 -7.89 13.29 -14.03
C LYS A 146 -8.12 12.92 -12.59
N TRP A 147 -8.01 13.90 -11.71
CA TRP A 147 -8.25 13.69 -10.29
C TRP A 147 -9.73 13.40 -10.03
N GLU A 148 -10.57 13.79 -10.98
CA GLU A 148 -11.99 13.55 -10.87
C GLU A 148 -12.29 12.23 -11.47
N ALA A 149 -11.52 11.87 -12.46
CA ALA A 149 -11.71 10.63 -13.13
C ALA A 149 -11.36 9.52 -12.18
N ALA A 150 -10.31 9.72 -11.40
CA ALA A 150 -9.82 8.69 -10.47
C ALA A 150 -10.45 8.80 -9.12
N HIS A 151 -11.45 9.63 -9.00
CA HIS A 151 -12.16 9.79 -7.76
C HIS A 151 -11.20 9.98 -6.59
N VAL A 152 -10.25 10.89 -6.78
CA VAL A 152 -9.27 11.19 -5.74
C VAL A 152 -9.95 11.78 -4.51
N ALA A 153 -10.90 12.66 -4.75
CA ALA A 153 -11.62 13.32 -3.66
C ALA A 153 -12.23 12.30 -2.71
N GLU A 154 -12.86 11.29 -3.28
CA GLU A 154 -13.45 10.26 -2.49
C GLU A 154 -12.46 9.61 -1.58
N GLN A 155 -11.28 9.32 -2.12
CA GLN A 155 -10.21 8.70 -1.33
C GLN A 155 -9.77 9.65 -0.23
N LEU A 156 -9.58 10.91 -0.58
CA LEU A 156 -9.18 11.86 0.41
C LEU A 156 -10.22 12.02 1.48
N ARG A 157 -11.50 12.02 1.09
CA ARG A 157 -12.55 12.16 2.07
C ARG A 157 -12.46 11.06 3.06
N ALA A 158 -12.40 9.83 2.56
CA ALA A 158 -12.32 8.67 3.41
C ALA A 158 -11.32 8.93 4.51
N TYR A 159 -10.14 9.40 4.13
CA TYR A 159 -9.07 9.71 5.09
C TYR A 159 -9.38 10.88 6.00
N LEU A 160 -9.53 12.06 5.42
CA LEU A 160 -9.79 13.29 6.19
C LEU A 160 -10.84 13.13 7.25
N GLU A 161 -12.02 12.73 6.82
CA GLU A 161 -13.15 12.58 7.73
C GLU A 161 -13.00 11.35 8.62
N GLY A 162 -12.33 10.32 8.10
CA GLY A 162 -12.17 9.06 8.84
C GLY A 162 -10.91 8.90 9.67
N THR A 163 -9.84 8.46 9.01
CA THR A 163 -8.55 8.16 9.67
C THR A 163 -7.94 9.34 10.41
N CYS A 164 -7.73 10.43 9.69
CA CYS A 164 -7.12 11.62 10.24
C CYS A 164 -7.72 12.03 11.60
N VAL A 165 -9.03 11.92 11.74
CA VAL A 165 -9.69 12.30 13.01
C VAL A 165 -9.39 11.31 14.15
N GLU A 166 -9.41 10.03 13.85
CA GLU A 166 -9.14 9.04 14.85
C GLU A 166 -7.75 9.28 15.40
N TRP A 167 -6.77 9.22 14.54
CA TRP A 167 -5.41 9.41 14.95
C TRP A 167 -5.19 10.75 15.63
N LEU A 168 -5.97 11.75 15.27
CA LEU A 168 -5.86 13.03 15.91
C LEU A 168 -6.20 12.86 17.39
N ARG A 169 -7.41 12.38 17.65
CA ARG A 169 -7.84 12.19 19.01
C ARG A 169 -6.99 11.10 19.70
N ARG A 170 -6.37 10.24 18.92
CA ARG A 170 -5.50 9.25 19.50
C ARG A 170 -4.30 9.96 20.08
N TYR A 171 -3.74 10.87 19.30
CA TYR A 171 -2.60 11.62 19.71
C TYR A 171 -2.96 12.56 20.86
N LEU A 172 -4.12 13.19 20.78
CA LEU A 172 -4.58 14.09 21.82
C LEU A 172 -4.70 13.35 23.16
N GLU A 173 -4.97 12.06 23.08
CA GLU A 173 -5.12 11.24 24.26
C GLU A 173 -3.77 10.88 24.88
N ASN A 174 -2.78 10.63 24.03
CA ASN A 174 -1.43 10.26 24.50
C ASN A 174 -0.61 11.49 24.88
N GLY A 175 -0.83 12.59 24.19
CA GLY A 175 -0.14 13.83 24.51
C GLY A 175 -0.99 14.64 25.44
N LYS A 176 -1.84 13.95 26.19
CA LYS A 176 -2.75 14.59 27.11
C LYS A 176 -2.08 15.65 28.01
N GLU A 177 -0.74 15.63 28.11
CA GLU A 177 -0.02 16.64 28.93
C GLU A 177 0.42 17.82 28.08
N THR A 178 0.92 17.52 26.90
CA THR A 178 1.42 18.54 26.02
C THR A 178 0.32 19.20 25.22
N LEU A 179 -0.23 18.44 24.30
CA LEU A 179 -1.25 18.91 23.38
C LEU A 179 -2.49 19.45 24.08
N GLN A 180 -2.78 18.96 25.26
CA GLN A 180 -3.97 19.32 25.95
C GLN A 180 -3.70 20.22 27.16
N ARG A 181 -2.48 20.68 27.30
CA ARG A 181 -2.10 21.59 28.36
C ARG A 181 -2.65 22.93 27.96
N THR A 182 -2.04 23.99 28.46
CA THR A 182 -2.46 25.33 28.12
C THR A 182 -1.75 26.34 28.95
N ASP A 183 -0.58 26.77 28.49
CA ASP A 183 0.21 27.75 29.21
C ASP A 183 -0.49 29.11 29.14
N ALA A 184 -0.11 30.02 30.01
CA ALA A 184 -0.71 31.34 30.05
C ALA A 184 0.34 32.40 29.79
N PRO A 185 -0.07 33.51 29.17
CA PRO A 185 0.80 34.61 28.82
C PRO A 185 1.41 35.34 30.03
N LYS A 186 2.74 35.31 30.14
CA LYS A 186 3.42 36.01 31.22
C LYS A 186 3.61 37.47 30.75
N THR A 187 2.51 38.19 30.67
CA THR A 187 2.51 39.56 30.18
C THR A 187 3.37 40.52 31.01
N HIS A 188 3.85 41.57 30.34
CA HIS A 188 4.62 42.63 30.99
C HIS A 188 4.64 43.81 30.03
N MET A 189 4.83 45.02 30.55
CA MET A 189 4.81 46.21 29.70
C MET A 189 6.13 47.00 29.73
N THR A 190 6.26 47.92 28.77
CA THR A 190 7.45 48.74 28.66
C THR A 190 7.08 50.15 28.14
N HIS A 191 7.80 51.17 28.62
CA HIS A 191 7.53 52.57 28.22
C HIS A 191 8.14 52.88 26.86
N HIS A 192 8.71 54.08 26.74
CA HIS A 192 9.36 54.50 25.51
C HIS A 192 8.80 55.80 24.98
N ALA A 193 9.19 56.89 25.61
CA ALA A 193 8.76 58.18 25.21
C ALA A 193 9.46 58.54 23.91
N VAL A 194 8.69 58.98 22.92
CA VAL A 194 9.24 59.40 21.63
C VAL A 194 9.76 60.80 21.78
N SER A 195 10.21 61.13 23.00
CA SER A 195 10.70 62.45 23.32
C SER A 195 9.55 63.43 23.33
N ASP A 196 9.35 64.09 24.47
CA ASP A 196 8.31 65.07 24.61
C ASP A 196 7.03 64.63 23.89
N HIS A 197 5.91 65.26 24.27
CA HIS A 197 4.61 64.99 23.66
C HIS A 197 4.16 63.53 23.68
N GLU A 198 4.53 62.78 22.65
CA GLU A 198 4.10 61.38 22.52
C GLU A 198 4.98 60.35 23.25
N ALA A 199 4.45 59.13 23.34
CA ALA A 199 5.13 58.01 23.98
C ALA A 199 4.63 56.71 23.36
N THR A 200 5.39 55.63 23.51
CA THR A 200 5.01 54.34 22.92
C THR A 200 5.12 53.18 23.92
N LEU A 201 3.97 52.67 24.34
CA LEU A 201 3.91 51.55 25.27
C LEU A 201 4.00 50.23 24.52
N ARG A 202 4.62 49.24 25.14
CA ARG A 202 4.77 47.94 24.51
C ARG A 202 4.18 46.88 25.40
N CYS A 203 3.03 46.36 24.99
CA CYS A 203 2.32 45.36 25.76
C CYS A 203 2.85 43.95 25.41
N TRP A 204 3.72 43.41 26.26
CA TRP A 204 4.30 42.08 26.00
C TRP A 204 3.46 40.91 26.47
N ALA A 205 3.92 39.71 26.14
CA ALA A 205 3.23 38.48 26.46
C ALA A 205 4.11 37.32 26.02
N LEU A 206 4.77 36.67 26.96
CA LEU A 206 5.68 35.57 26.64
C LEU A 206 5.31 34.27 27.33
N SER A 207 5.71 33.15 26.73
CA SER A 207 5.46 31.81 27.31
C SER A 207 4.01 31.40 27.31
N PHE A 208 3.37 31.36 26.15
CA PHE A 208 1.99 30.93 26.10
C PHE A 208 1.73 29.89 25.06
N TYR A 209 0.76 29.04 25.32
CA TYR A 209 0.37 27.99 24.42
C TYR A 209 -1.08 27.68 24.65
N PRO A 210 -1.84 27.50 23.57
CA PRO A 210 -1.35 27.59 22.22
C PRO A 210 -1.02 29.01 21.79
N ALA A 211 -0.58 29.15 20.55
CA ALA A 211 -0.17 30.45 20.00
C ALA A 211 -1.34 31.40 19.80
N GLU A 212 -2.54 30.87 19.60
CA GLU A 212 -3.70 31.73 19.42
C GLU A 212 -3.77 32.67 20.60
N ILE A 213 -3.84 33.97 20.31
CA ILE A 213 -3.90 34.97 21.36
C ILE A 213 -4.14 36.32 20.79
N THR A 214 -4.94 37.12 21.48
CA THR A 214 -5.24 38.47 21.06
C THR A 214 -4.88 39.44 22.16
N LEU A 215 -4.37 40.60 21.78
CA LEU A 215 -4.01 41.62 22.75
C LEU A 215 -4.28 43.00 22.16
N THR A 216 -5.42 43.57 22.51
CA THR A 216 -5.83 44.84 21.97
C THR A 216 -5.82 45.98 22.98
N TRP A 217 -5.37 47.15 22.53
CA TRP A 217 -5.35 48.34 23.36
C TRP A 217 -6.71 49.00 23.33
N GLN A 218 -6.98 49.84 24.32
CA GLN A 218 -8.24 50.57 24.39
C GLN A 218 -8.06 51.80 25.26
N ARG A 219 -9.12 52.60 25.36
CA ARG A 219 -9.04 53.82 26.11
C ARG A 219 -10.36 54.59 26.18
N ASP A 220 -10.84 54.81 27.40
CA ASP A 220 -12.09 55.55 27.67
C ASP A 220 -13.25 55.14 26.74
N GLY A 221 -14.02 56.13 26.28
CA GLY A 221 -15.16 55.89 25.39
C GLY A 221 -15.16 54.47 24.83
N GLU A 222 -14.78 54.35 23.56
CA GLU A 222 -14.73 53.04 22.90
C GLU A 222 -13.31 52.50 22.88
N ASP A 223 -13.17 51.18 23.00
CA ASP A 223 -11.86 50.54 22.96
C ASP A 223 -11.40 50.46 21.49
N GLN A 224 -10.16 50.02 21.28
CA GLN A 224 -9.60 49.91 19.93
C GLN A 224 -8.32 50.74 19.80
N THR A 225 -7.99 51.10 18.56
CA THR A 225 -6.80 51.90 18.28
C THR A 225 -6.09 51.45 17.01
N GLN A 226 -5.51 52.41 16.30
CA GLN A 226 -4.79 52.14 15.09
C GLN A 226 -3.30 52.08 15.37
N ASP A 227 -2.63 53.23 15.23
CA ASP A 227 -1.19 53.32 15.47
C ASP A 227 -0.71 52.28 16.48
N THR A 228 -1.06 51.02 16.24
CA THR A 228 -0.66 49.93 17.12
C THR A 228 0.19 48.93 16.34
N GLU A 229 1.50 48.98 16.57
CA GLU A 229 2.43 48.09 15.87
C GLU A 229 2.38 46.66 16.43
N LEU A 230 1.55 45.82 15.82
CA LEU A 230 1.40 44.44 16.25
C LEU A 230 2.28 43.52 15.40
N VAL A 231 3.21 42.83 16.06
CA VAL A 231 4.12 41.90 15.38
C VAL A 231 3.53 40.49 15.35
N GLU A 232 3.73 39.78 14.25
CA GLU A 232 3.20 38.43 14.12
C GLU A 232 3.74 37.55 15.24
N THR A 233 2.87 36.71 15.79
CA THR A 233 3.27 35.80 16.86
C THR A 233 4.43 34.95 16.38
N ARG A 234 5.43 34.81 17.23
CA ARG A 234 6.63 34.07 16.88
C ARG A 234 6.89 32.95 17.84
N PRO A 235 7.59 31.92 17.39
CA PRO A 235 7.88 30.82 18.25
C PRO A 235 9.01 31.12 19.18
N ALA A 236 8.78 30.98 20.48
CA ALA A 236 9.84 31.21 21.48
C ALA A 236 10.94 30.14 21.31
N GLY A 237 10.58 28.99 20.73
CA GLY A 237 11.54 27.90 20.49
C GLY A 237 11.47 26.75 21.49
N ASP A 238 11.02 27.04 22.70
CA ASP A 238 10.93 26.02 23.73
C ASP A 238 9.58 25.33 23.69
N GLY A 239 8.72 25.74 22.78
CA GLY A 239 7.41 25.17 22.66
C GLY A 239 6.31 26.18 22.85
N THR A 240 6.65 27.31 23.45
CA THR A 240 5.68 28.37 23.66
C THR A 240 5.86 29.45 22.60
N PHE A 241 5.08 30.53 22.71
CA PHE A 241 5.13 31.61 21.72
C PHE A 241 5.18 33.00 22.38
N GLN A 242 5.84 33.94 21.70
CA GLN A 242 5.97 35.31 22.18
C GLN A 242 5.16 36.23 21.29
N LYS A 243 4.99 37.48 21.71
CA LYS A 243 4.26 38.43 20.93
C LYS A 243 3.94 39.64 21.72
N TRP A 244 3.72 40.76 21.02
CA TRP A 244 3.40 42.02 21.67
C TRP A 244 2.74 42.97 20.69
N ALA A 245 2.14 44.03 21.23
CA ALA A 245 1.47 45.04 20.41
C ALA A 245 1.69 46.40 21.04
N ALA A 246 2.42 47.26 20.35
CA ALA A 246 2.70 48.59 20.84
C ALA A 246 1.80 49.63 20.19
N VAL A 247 1.53 50.71 20.92
CA VAL A 247 0.70 51.80 20.43
C VAL A 247 1.37 53.13 20.80
N VAL A 248 0.86 54.23 20.27
CA VAL A 248 1.44 55.55 20.54
C VAL A 248 0.47 56.50 21.25
N VAL A 249 0.94 57.10 22.35
CA VAL A 249 0.13 58.05 23.15
C VAL A 249 0.98 59.26 23.56
N PRO A 250 0.32 60.30 24.10
CA PRO A 250 0.99 61.53 24.53
C PRO A 250 1.45 61.52 26.01
N SER A 251 2.76 61.59 26.24
CA SER A 251 3.32 61.59 27.60
C SER A 251 2.23 61.85 28.65
N GLY A 252 2.30 61.11 29.76
CA GLY A 252 1.31 61.25 30.83
C GLY A 252 -0.05 60.76 30.41
N GLN A 253 -0.77 61.59 29.65
CA GLN A 253 -2.10 61.23 29.12
C GLN A 253 -2.05 59.77 28.70
N GLU A 254 -0.92 59.14 29.00
CA GLU A 254 -0.66 57.75 28.64
C GLU A 254 -1.30 56.76 29.60
N GLN A 255 -1.07 56.97 30.90
CA GLN A 255 -1.58 56.06 31.90
C GLN A 255 -3.13 55.99 31.87
N ARG A 256 -3.70 56.24 30.69
CA ARG A 256 -5.16 56.14 30.50
C ARG A 256 -5.48 55.11 29.43
N TYR A 257 -4.51 54.24 29.16
CA TYR A 257 -4.68 53.19 28.17
C TYR A 257 -4.32 51.85 28.78
N THR A 258 -4.55 50.79 28.02
CA THR A 258 -4.26 49.45 28.48
C THR A 258 -4.67 48.44 27.45
N CYS A 259 -3.82 47.44 27.21
CA CYS A 259 -4.14 46.41 26.23
C CYS A 259 -4.77 45.25 26.99
N HIS A 260 -5.74 44.59 26.36
CA HIS A 260 -6.43 43.49 26.98
C HIS A 260 -6.04 42.18 26.35
N VAL A 261 -5.44 41.32 27.14
CA VAL A 261 -5.01 40.04 26.68
C VAL A 261 -6.10 39.01 26.81
N GLN A 262 -6.32 38.25 25.76
CA GLN A 262 -7.30 37.20 25.76
C GLN A 262 -6.64 35.94 25.33
N HIS A 263 -6.84 34.88 26.10
CA HIS A 263 -6.24 33.62 25.80
C HIS A 263 -6.89 32.56 26.66
N GLU A 264 -7.28 31.46 26.03
CA GLU A 264 -7.96 30.37 26.74
C GLU A 264 -7.24 30.02 28.03
N GLY A 265 -5.92 30.08 28.02
CA GLY A 265 -5.14 29.78 29.21
C GLY A 265 -5.51 30.69 30.37
N LEU A 266 -6.15 31.82 30.05
CA LEU A 266 -6.56 32.78 31.05
C LEU A 266 -7.95 32.53 31.55
N PRO A 267 -8.09 32.20 32.82
CA PRO A 267 -9.41 32.03 33.37
C PRO A 267 -10.13 33.33 33.22
N LYS A 268 -9.46 34.40 33.67
CA LYS A 268 -9.99 35.74 33.59
C LYS A 268 -9.11 36.55 32.64
N PRO A 269 -9.70 37.12 31.58
CA PRO A 269 -8.94 37.96 30.61
C PRO A 269 -8.19 39.11 31.31
N LEU A 270 -6.89 39.26 31.01
CA LEU A 270 -6.09 40.32 31.63
C LEU A 270 -6.22 41.66 30.94
N THR A 271 -6.04 42.73 31.72
CA THR A 271 -6.12 44.09 31.20
C THR A 271 -5.00 44.90 31.83
N LEU A 272 -3.77 44.51 31.55
CA LEU A 272 -2.61 45.19 32.10
C LEU A 272 -2.58 46.66 31.68
N ARG A 273 -1.98 47.50 32.53
CA ARG A 273 -1.86 48.95 32.25
C ARG A 273 -0.48 49.45 32.69
N TRP A 274 -0.23 50.75 32.51
CA TRP A 274 1.07 51.31 32.88
C TRP A 274 1.04 51.94 34.28
N GLU A 275 2.17 51.83 34.97
CA GLU A 275 2.34 52.36 36.32
C GLU A 275 3.82 52.59 36.65
N PRO A 276 4.31 53.84 36.45
CA PRO A 276 5.70 54.19 36.72
C PRO A 276 5.91 54.65 38.16
N MET B 1 4.55 32.75 -10.97
CA MET B 1 5.43 32.51 -9.83
C MET B 1 5.48 33.72 -8.96
N ILE B 2 5.92 33.56 -7.73
CA ILE B 2 5.98 34.70 -6.83
C ILE B 2 7.04 34.58 -5.76
N GLN B 3 7.72 35.70 -5.52
CA GLN B 3 8.75 35.79 -4.50
C GLN B 3 8.21 36.65 -3.41
N ARG B 4 8.64 36.40 -2.20
CA ARG B 4 8.15 37.19 -1.11
C ARG B 4 9.32 37.51 -0.19
N THR B 5 9.53 38.79 0.09
CA THR B 5 10.61 39.17 0.96
C THR B 5 10.30 38.70 2.34
N PRO B 6 11.28 38.16 3.02
CA PRO B 6 11.09 37.65 4.34
C PRO B 6 10.95 38.73 5.34
N LYS B 7 10.52 38.37 6.53
CA LYS B 7 10.36 39.29 7.62
C LYS B 7 11.31 38.79 8.68
N ILE B 8 11.94 39.69 9.41
CA ILE B 8 12.93 39.25 10.39
C ILE B 8 12.73 39.75 11.79
N GLN B 9 12.87 38.84 12.74
CA GLN B 9 12.77 39.18 14.14
C GLN B 9 13.81 38.43 14.88
N VAL B 10 14.71 39.17 15.51
CA VAL B 10 15.76 38.57 16.28
C VAL B 10 15.50 38.85 17.75
N TYR B 11 15.23 37.79 18.51
CA TYR B 11 14.90 37.91 19.92
C TYR B 11 15.51 36.80 20.74
N SER B 12 15.33 36.89 22.05
CA SER B 12 15.84 35.88 22.96
C SER B 12 14.67 35.07 23.43
N ARG B 13 14.92 33.85 23.83
CA ARG B 13 13.87 32.99 24.31
C ARG B 13 13.26 33.61 25.57
N HIS B 14 14.07 33.76 26.62
CA HIS B 14 13.60 34.35 27.87
C HIS B 14 14.21 35.73 28.04
N PRO B 15 13.55 36.60 28.82
CA PRO B 15 14.12 37.93 29.04
C PRO B 15 15.56 37.80 29.51
N ALA B 16 16.50 38.14 28.64
CA ALA B 16 17.93 38.02 28.94
C ALA B 16 18.33 38.82 30.16
N GLU B 17 19.36 38.35 30.85
CA GLU B 17 19.88 39.03 32.02
C GLU B 17 21.38 39.21 31.86
N ASN B 18 22.01 38.29 31.13
CA ASN B 18 23.45 38.33 30.90
C ASN B 18 24.18 37.73 32.08
N GLY B 19 25.13 36.85 31.77
CA GLY B 19 25.84 36.13 32.79
C GLY B 19 25.07 34.86 33.04
N LYS B 20 23.84 34.85 32.51
CA LYS B 20 22.96 33.71 32.63
C LYS B 20 22.61 33.24 31.20
N SER B 21 22.86 31.96 30.92
CA SER B 21 22.61 31.41 29.58
C SER B 21 21.18 31.62 29.10
N ASN B 22 21.01 31.58 27.78
CA ASN B 22 19.72 31.78 27.15
C ASN B 22 19.77 31.26 25.73
N PHE B 23 18.88 31.75 24.89
CA PHE B 23 18.82 31.35 23.49
C PHE B 23 18.54 32.56 22.60
N LEU B 24 19.32 32.70 21.53
CA LEU B 24 19.16 33.79 20.60
C LEU B 24 18.40 33.28 19.41
N ASN B 25 17.27 33.90 19.12
CA ASN B 25 16.42 33.47 18.02
C ASN B 25 16.24 34.47 16.89
N CYS B 26 16.43 33.99 15.68
CA CYS B 26 16.20 34.80 14.51
C CYS B 26 15.07 34.14 13.77
N TYR B 27 13.89 34.75 13.86
CA TYR B 27 12.70 34.20 13.22
C TYR B 27 12.43 34.92 11.91
N VAL B 28 12.48 34.18 10.82
CA VAL B 28 12.23 34.72 9.49
C VAL B 28 10.99 34.07 8.93
N SER B 29 10.14 34.84 8.26
CA SER B 29 8.92 34.29 7.73
C SER B 29 8.36 35.05 6.56
N GLY B 30 7.28 34.52 6.00
CA GLY B 30 6.57 35.15 4.88
C GLY B 30 7.34 35.21 3.59
N PHE B 31 8.44 34.48 3.52
CA PHE B 31 9.28 34.51 2.32
C PHE B 31 8.99 33.37 1.37
N HIS B 32 9.50 33.53 0.15
CA HIS B 32 9.34 32.55 -0.90
C HIS B 32 10.21 33.06 -2.06
N PRO B 33 11.04 32.17 -2.65
CA PRO B 33 11.22 30.73 -2.36
C PRO B 33 11.79 30.40 -0.98
N SER B 34 11.90 29.10 -0.71
CA SER B 34 12.37 28.63 0.58
C SER B 34 13.83 28.96 0.81
N ASP B 35 14.69 28.55 -0.10
CA ASP B 35 16.13 28.82 0.03
C ASP B 35 16.37 30.20 0.61
N ILE B 36 17.25 30.27 1.62
CA ILE B 36 17.53 31.51 2.28
C ILE B 36 18.77 31.37 3.12
N GLU B 37 19.52 32.45 3.23
CA GLU B 37 20.75 32.46 4.01
C GLU B 37 20.51 33.18 5.33
N VAL B 38 20.81 32.50 6.43
CA VAL B 38 20.64 33.10 7.75
C VAL B 38 21.77 32.71 8.68
N ASP B 39 22.38 33.71 9.29
CA ASP B 39 23.49 33.52 10.23
C ASP B 39 23.33 34.38 11.45
N LEU B 40 23.66 33.83 12.61
CA LEU B 40 23.61 34.59 13.82
C LEU B 40 24.98 35.22 14.05
N LEU B 41 24.99 36.52 14.27
CA LEU B 41 26.23 37.24 14.43
C LEU B 41 26.47 37.68 15.87
N LYS B 42 27.69 37.42 16.33
CA LYS B 42 28.13 37.84 17.63
C LYS B 42 29.30 38.76 17.39
N ASN B 43 29.12 40.04 17.66
CA ASN B 43 30.17 41.00 17.43
C ASN B 43 30.58 40.96 15.98
N GLY B 44 29.60 41.17 15.11
CA GLY B 44 29.84 41.18 13.68
C GLY B 44 30.29 39.85 13.14
N GLU B 45 30.88 39.03 14.01
CA GLU B 45 31.36 37.71 13.59
C GLU B 45 30.22 36.72 13.78
N ARG B 46 30.04 35.78 12.86
CA ARG B 46 28.93 34.82 13.00
C ARG B 46 29.23 33.74 13.99
N ILE B 47 28.24 32.90 14.23
CA ILE B 47 28.38 31.82 15.19
C ILE B 47 28.48 30.48 14.50
N GLU B 48 29.55 29.74 14.80
CA GLU B 48 29.81 28.44 14.16
C GLU B 48 28.60 27.49 14.24
N LYS B 49 28.14 27.17 15.45
CA LYS B 49 26.98 26.28 15.58
C LYS B 49 25.69 27.05 15.75
N VAL B 50 24.73 26.73 14.89
CA VAL B 50 23.40 27.34 14.92
C VAL B 50 22.47 26.39 14.21
N GLU B 51 21.33 26.11 14.80
CA GLU B 51 20.39 25.19 14.21
C GLU B 51 19.03 25.85 13.96
N HIS B 52 18.17 25.17 13.21
CA HIS B 52 16.88 25.75 12.85
C HIS B 52 15.74 24.74 12.74
N SER B 53 14.53 25.22 13.02
CA SER B 53 13.33 24.43 12.95
C SER B 53 13.21 23.83 11.56
N ASP B 54 12.21 22.96 11.36
CA ASP B 54 11.99 22.34 10.06
C ASP B 54 11.15 23.23 9.18
N LEU B 55 11.48 23.27 7.90
CA LEU B 55 10.79 24.11 6.95
C LEU B 55 9.31 23.92 7.00
N SER B 56 8.59 25.03 7.07
CA SER B 56 7.17 25.01 7.12
C SER B 56 6.64 26.27 6.46
N PHE B 57 5.35 26.28 6.16
CA PHE B 57 4.75 27.44 5.54
C PHE B 57 3.36 27.73 6.05
N SER B 58 2.98 29.00 5.99
CA SER B 58 1.70 29.42 6.47
C SER B 58 0.66 29.53 5.37
N LYS B 59 -0.52 29.99 5.75
CA LYS B 59 -1.69 30.07 4.87
C LYS B 59 -1.45 30.47 3.43
N ASP B 60 -0.68 31.53 3.20
CA ASP B 60 -0.41 31.99 1.84
C ASP B 60 0.74 31.22 1.18
N TRP B 61 1.10 30.07 1.77
CA TRP B 61 2.21 29.21 1.26
C TRP B 61 3.61 29.79 1.56
N SER B 62 3.66 30.95 2.23
CA SER B 62 4.96 31.58 2.54
C SER B 62 5.64 30.80 3.63
N PHE B 63 6.95 30.70 3.55
CA PHE B 63 7.71 29.91 4.52
C PHE B 63 8.07 30.68 5.76
N TYR B 64 8.62 29.97 6.74
CA TYR B 64 9.06 30.58 7.97
C TYR B 64 9.94 29.60 8.74
N LEU B 65 11.11 30.08 9.14
CA LEU B 65 12.04 29.27 9.88
C LEU B 65 12.50 29.96 11.13
N LEU B 66 13.13 29.20 12.00
CA LEU B 66 13.62 29.73 13.22
C LEU B 66 15.02 29.28 13.46
N TYR B 67 15.97 30.19 13.24
CA TYR B 67 17.35 29.90 13.50
C TYR B 67 17.63 30.33 14.94
N TYR B 68 18.34 29.48 15.66
CA TYR B 68 18.61 29.74 17.07
C TYR B 68 19.94 29.15 17.52
N THR B 69 20.38 29.58 18.69
CA THR B 69 21.61 29.11 19.28
C THR B 69 21.67 29.68 20.68
N GLU B 70 22.11 28.85 21.64
CA GLU B 70 22.18 29.30 23.03
C GLU B 70 23.39 30.18 23.27
N PHE B 71 23.23 31.13 24.19
CA PHE B 71 24.28 32.07 24.48
C PHE B 71 24.00 32.73 25.84
N THR B 72 24.84 33.68 26.22
CA THR B 72 24.66 34.40 27.46
C THR B 72 24.97 35.86 27.24
N PRO B 73 23.93 36.68 27.07
CA PRO B 73 24.06 38.11 26.83
C PRO B 73 25.08 38.77 27.74
N THR B 74 25.14 40.09 27.69
CA THR B 74 26.07 40.83 28.53
C THR B 74 25.72 42.30 28.51
N GLU B 75 26.61 43.12 29.02
CA GLU B 75 26.43 44.56 29.02
C GLU B 75 27.11 45.02 27.75
N LYS B 76 27.87 44.10 27.18
CA LYS B 76 28.60 44.32 25.97
C LYS B 76 28.24 43.21 25.02
N ASP B 77 29.03 43.03 23.98
CA ASP B 77 28.77 41.97 23.01
C ASP B 77 27.46 42.25 22.26
N GLU B 78 27.57 42.53 20.97
CA GLU B 78 26.38 42.80 20.17
C GLU B 78 26.02 41.59 19.35
N TYR B 79 24.72 41.29 19.29
CA TYR B 79 24.22 40.16 18.53
C TYR B 79 23.24 40.61 17.47
N ALA B 80 23.36 40.05 16.29
CA ALA B 80 22.49 40.39 15.21
C ALA B 80 22.34 39.23 14.26
N CYS B 81 21.34 39.31 13.41
CA CYS B 81 21.08 38.29 12.46
C CYS B 81 21.27 38.85 11.08
N ARG B 82 21.95 38.10 10.23
CA ARG B 82 22.15 38.53 8.86
C ARG B 82 21.34 37.63 7.94
N VAL B 83 20.58 38.24 7.06
CA VAL B 83 19.73 37.49 6.18
C VAL B 83 19.84 37.92 4.75
N ASN B 84 19.88 36.94 3.86
CA ASN B 84 19.92 37.23 2.45
C ASN B 84 18.93 36.31 1.75
N HIS B 85 18.30 36.83 0.70
CA HIS B 85 17.29 36.09 -0.02
C HIS B 85 17.17 36.75 -1.39
N VAL B 86 16.83 35.98 -2.41
CA VAL B 86 16.70 36.53 -3.76
C VAL B 86 15.93 37.82 -3.76
N THR B 87 14.88 37.88 -2.95
CA THR B 87 14.04 39.05 -2.88
C THR B 87 14.76 40.25 -2.27
N LEU B 88 15.95 40.02 -1.73
CA LEU B 88 16.73 41.10 -1.12
C LEU B 88 17.84 41.53 -2.06
N SER B 89 17.87 42.81 -2.40
CA SER B 89 18.91 43.32 -3.28
C SER B 89 20.23 43.16 -2.56
N GLN B 90 20.27 43.63 -1.33
CA GLN B 90 21.44 43.54 -0.50
C GLN B 90 21.08 42.80 0.79
N PRO B 91 22.00 41.97 1.29
CA PRO B 91 21.73 41.25 2.52
C PRO B 91 21.44 42.22 3.66
N LYS B 92 20.39 41.93 4.44
CA LYS B 92 20.03 42.81 5.55
C LYS B 92 20.47 42.26 6.87
N ILE B 93 20.85 43.15 7.76
CA ILE B 93 21.30 42.77 9.07
C ILE B 93 20.40 43.39 10.12
N VAL B 94 19.79 42.56 10.93
CA VAL B 94 18.95 43.06 11.99
C VAL B 94 19.69 42.88 13.29
N LYS B 95 19.74 43.93 14.08
CA LYS B 95 20.46 43.92 15.34
C LYS B 95 19.53 43.57 16.49
N TRP B 96 19.98 42.67 17.36
CA TRP B 96 19.18 42.26 18.49
C TRP B 96 18.98 43.40 19.48
N ASP B 97 17.72 43.73 19.70
CA ASP B 97 17.35 44.80 20.62
C ASP B 97 16.86 44.18 21.94
N ARG B 98 17.51 44.56 23.04
CA ARG B 98 17.16 44.04 24.35
C ARG B 98 15.66 44.13 24.62
N ASP B 99 15.19 45.29 25.08
CA ASP B 99 13.77 45.47 25.39
C ASP B 99 12.89 45.48 24.12
N MET B 100 13.25 44.61 23.17
CA MET B 100 12.49 44.47 21.92
C MET B 100 12.97 43.23 21.17
N GLU C 1 -0.67 10.53 11.62
CA GLU C 1 -1.03 9.49 10.62
C GLU C 1 -1.07 10.10 9.21
N LEU C 2 -0.10 9.75 8.37
CA LEU C 2 -0.07 10.26 6.99
C LEU C 2 -1.17 9.64 6.16
N ALA C 3 -1.63 10.36 5.14
CA ALA C 3 -2.68 9.86 4.28
C ALA C 3 -2.18 8.61 3.57
N GLY C 4 -2.98 7.56 3.60
CA GLY C 4 -2.60 6.29 2.97
C GLY C 4 -3.16 6.11 1.57
N ILE C 5 -4.02 7.04 1.17
CA ILE C 5 -4.63 7.01 -0.15
C ILE C 5 -4.97 8.42 -0.63
N GLY C 6 -5.63 8.50 -1.76
CA GLY C 6 -6.04 9.80 -2.32
C GLY C 6 -4.90 10.74 -2.69
N ILE C 7 -3.74 10.18 -2.94
CA ILE C 7 -2.59 10.97 -3.31
C ILE C 7 -2.02 10.49 -4.61
N LEU C 8 -2.13 11.33 -5.64
CA LEU C 8 -1.66 10.97 -6.95
C LEU C 8 -0.89 12.08 -7.63
N THR C 9 -0.43 11.79 -8.83
CA THR C 9 0.30 12.73 -9.60
C THR C 9 -0.66 13.77 -10.13
N VAL C 10 -0.23 15.03 -10.13
CA VAL C 10 -1.06 16.12 -10.65
C VAL C 10 -1.16 16.05 -12.19
N GLN D 1 -2.12 -12.89 12.30
CA GLN D 1 -2.70 -11.67 12.90
C GLN D 1 -2.36 -10.46 12.03
N GLU D 2 -3.23 -9.46 12.04
CA GLU D 2 -3.05 -8.26 11.23
C GLU D 2 -4.11 -8.30 10.12
N VAL D 3 -4.15 -9.41 9.42
CA VAL D 3 -5.20 -9.66 8.43
C VAL D 3 -5.53 -11.10 8.68
N GLU D 4 -6.76 -11.37 9.06
CA GLU D 4 -7.10 -12.69 9.45
C GLU D 4 -8.32 -13.26 8.73
N GLN D 5 -8.04 -14.06 7.69
CA GLN D 5 -9.07 -14.75 6.92
C GLN D 5 -9.38 -16.07 7.61
N ASN D 6 -10.44 -16.75 7.19
CA ASN D 6 -10.87 -17.94 7.88
C ASN D 6 -10.42 -19.27 7.27
N SER D 7 -9.54 -19.23 6.30
CA SER D 7 -8.96 -20.49 5.75
C SER D 7 -9.79 -21.29 4.75
N GLY D 8 -10.80 -21.99 5.23
CA GLY D 8 -11.61 -22.82 4.37
C GLY D 8 -11.10 -24.27 4.44
N PRO D 9 -11.55 -25.11 3.49
CA PRO D 9 -12.46 -24.73 2.41
C PRO D 9 -13.95 -24.68 2.80
N LEU D 10 -14.66 -23.70 2.24
CA LEU D 10 -16.07 -23.57 2.48
C LEU D 10 -16.80 -24.28 1.41
N SER D 11 -18.03 -24.67 1.73
CA SER D 11 -18.85 -25.33 0.79
C SER D 11 -20.10 -24.53 0.62
N VAL D 12 -20.41 -24.21 -0.62
CA VAL D 12 -21.62 -23.48 -0.91
C VAL D 12 -22.25 -24.11 -2.12
N PRO D 13 -23.53 -24.38 -2.02
CA PRO D 13 -24.19 -24.98 -3.14
C PRO D 13 -24.40 -23.97 -4.27
N GLU D 14 -24.23 -24.44 -5.49
CA GLU D 14 -24.41 -23.62 -6.65
C GLU D 14 -25.69 -22.89 -6.50
N GLY D 15 -25.64 -21.56 -6.66
CA GLY D 15 -26.85 -20.73 -6.56
C GLY D 15 -26.89 -19.93 -5.28
N ALA D 16 -26.47 -20.54 -4.19
CA ALA D 16 -26.47 -19.88 -2.89
C ALA D 16 -25.52 -18.69 -2.90
N ILE D 17 -25.47 -17.98 -1.77
CA ILE D 17 -24.59 -16.83 -1.60
C ILE D 17 -23.37 -17.24 -0.83
N ALA D 18 -22.24 -16.67 -1.15
CA ALA D 18 -20.99 -17.01 -0.45
C ALA D 18 -20.51 -15.86 0.41
N SER D 19 -20.40 -16.12 1.70
CA SER D 19 -19.93 -15.10 2.63
C SER D 19 -18.46 -15.33 2.96
N LEU D 20 -17.70 -14.26 2.96
CA LEU D 20 -16.29 -14.32 3.24
C LEU D 20 -15.96 -13.20 4.21
N ASN D 21 -15.14 -13.49 5.21
CA ASN D 21 -14.81 -12.50 6.22
C ASN D 21 -13.34 -12.27 6.38
N CYS D 22 -13.00 -11.09 6.81
CA CYS D 22 -11.65 -10.72 7.00
C CYS D 22 -11.61 -9.71 8.12
N THR D 23 -10.61 -9.80 8.95
CA THR D 23 -10.48 -8.91 10.05
C THR D 23 -9.10 -8.30 10.08
N TYR D 24 -9.03 -6.98 10.21
CA TYR D 24 -7.75 -6.31 10.24
C TYR D 24 -7.54 -5.68 11.58
N SER D 25 -6.33 -5.85 12.12
CA SER D 25 -5.99 -5.34 13.45
C SER D 25 -5.47 -3.90 13.46
N ASP D 26 -4.68 -3.53 12.47
CA ASP D 26 -4.11 -2.16 12.42
C ASP D 26 -5.13 -1.15 11.96
N ARG D 27 -5.55 -0.30 12.89
CA ARG D 27 -6.53 0.69 12.59
C ARG D 27 -6.03 1.77 11.66
N GLY D 28 -4.80 1.62 11.19
CA GLY D 28 -4.23 2.57 10.25
C GLY D 28 -4.67 2.24 8.84
N SER D 29 -5.08 1.00 8.63
CA SER D 29 -5.53 0.52 7.31
C SER D 29 -6.50 1.52 6.68
N GLN D 30 -6.29 1.85 5.40
CA GLN D 30 -7.13 2.86 4.74
C GLN D 30 -7.79 2.44 3.39
N SER D 31 -7.64 1.19 3.01
CA SER D 31 -8.30 0.68 1.79
C SER D 31 -8.17 -0.81 1.83
N PHE D 32 -9.20 -1.49 1.41
CA PHE D 32 -9.23 -2.92 1.54
C PHE D 32 -9.56 -3.59 0.26
N PHE D 33 -9.10 -4.82 0.10
CA PHE D 33 -9.27 -5.51 -1.16
C PHE D 33 -9.62 -6.95 -1.03
N TRP D 34 -10.09 -7.52 -2.13
CA TRP D 34 -10.36 -8.92 -2.23
C TRP D 34 -9.82 -9.38 -3.55
N TYR D 35 -8.88 -10.30 -3.51
CA TYR D 35 -8.31 -10.87 -4.71
C TYR D 35 -8.76 -12.30 -4.81
N ARG D 36 -8.85 -12.78 -6.02
CA ARG D 36 -9.26 -14.14 -6.26
C ARG D 36 -8.11 -14.86 -6.88
N GLN D 37 -7.77 -16.02 -6.36
CA GLN D 37 -6.68 -16.76 -6.93
C GLN D 37 -7.06 -18.17 -7.30
N TYR D 38 -6.81 -18.53 -8.55
CA TYR D 38 -7.06 -19.85 -9.04
C TYR D 38 -5.76 -20.67 -8.94
N SER D 39 -5.86 -21.84 -8.34
CA SER D 39 -4.71 -22.70 -8.24
C SER D 39 -3.97 -22.62 -9.56
N GLY D 40 -2.76 -22.10 -9.51
CA GLY D 40 -1.96 -21.95 -10.71
C GLY D 40 -1.78 -20.48 -11.01
N LYS D 41 -2.80 -19.88 -11.59
CA LYS D 41 -2.76 -18.45 -11.91
C LYS D 41 -2.41 -17.60 -10.67
N SER D 42 -2.04 -16.35 -10.90
CA SER D 42 -1.72 -15.43 -9.83
C SER D 42 -3.00 -14.74 -9.36
N PRO D 43 -2.92 -13.96 -8.26
CA PRO D 43 -4.08 -13.29 -7.66
C PRO D 43 -4.67 -12.25 -8.55
N GLU D 44 -5.98 -12.21 -8.62
CA GLU D 44 -6.67 -11.31 -9.47
C GLU D 44 -7.69 -10.53 -8.64
N LEU D 45 -7.60 -9.21 -8.72
CA LEU D 45 -8.48 -8.35 -7.95
C LEU D 45 -9.92 -8.51 -8.34
N ILE D 46 -10.79 -8.49 -7.35
CA ILE D 46 -12.21 -8.54 -7.57
C ILE D 46 -12.81 -7.23 -7.09
N MET D 47 -12.33 -6.73 -5.95
CA MET D 47 -12.83 -5.47 -5.41
C MET D 47 -11.93 -4.80 -4.40
N PHE D 48 -12.12 -3.48 -4.25
CA PHE D 48 -11.46 -2.72 -3.22
C PHE D 48 -12.48 -1.74 -2.62
N ILE D 49 -12.26 -1.42 -1.34
CA ILE D 49 -13.14 -0.56 -0.58
C ILE D 49 -12.36 0.33 0.34
N TYR D 50 -12.80 1.58 0.49
CA TYR D 50 -12.11 2.51 1.42
C TYR D 50 -13.06 3.40 2.26
N SER D 51 -14.35 3.09 2.23
CA SER D 51 -15.35 3.85 3.03
C SER D 51 -16.47 2.92 3.54
N ASN D 52 -16.69 2.94 4.86
CA ASN D 52 -17.74 2.11 5.49
C ASN D 52 -18.95 2.02 4.61
N GLY D 53 -19.49 0.82 4.49
CA GLY D 53 -20.64 0.60 3.68
C GLY D 53 -20.50 -0.64 2.85
N ASP D 54 -21.33 -0.75 1.83
CA ASP D 54 -21.32 -1.87 0.95
C ASP D 54 -21.10 -1.40 -0.46
N LYS D 55 -20.24 -2.09 -1.18
CA LYS D 55 -19.94 -1.76 -2.57
C LYS D 55 -20.32 -2.95 -3.43
N GLU D 56 -21.21 -2.73 -4.40
CA GLU D 56 -21.69 -3.82 -5.28
C GLU D 56 -21.17 -3.79 -6.69
N ASP D 57 -20.79 -4.96 -7.17
CA ASP D 57 -20.33 -5.13 -8.52
C ASP D 57 -20.72 -6.51 -8.98
N GLY D 58 -21.78 -6.58 -9.76
CA GLY D 58 -22.26 -7.85 -10.26
C GLY D 58 -22.76 -8.72 -9.14
N ARG D 59 -22.19 -9.92 -9.03
CA ARG D 59 -22.60 -10.84 -8.00
C ARG D 59 -21.75 -10.66 -6.79
N PHE D 60 -20.94 -9.62 -6.79
CA PHE D 60 -20.03 -9.38 -5.69
C PHE D 60 -20.39 -8.18 -4.89
N THR D 61 -20.22 -8.29 -3.58
CA THR D 61 -20.51 -7.18 -2.68
C THR D 61 -19.52 -7.16 -1.55
N ALA D 62 -18.82 -6.05 -1.41
CA ALA D 62 -17.86 -5.89 -0.34
C ALA D 62 -18.53 -5.16 0.79
N GLN D 63 -18.07 -5.38 2.00
CA GLN D 63 -18.66 -4.73 3.14
C GLN D 63 -17.60 -4.33 4.09
N LEU D 64 -17.49 -3.04 4.32
CA LEU D 64 -16.46 -2.51 5.18
C LEU D 64 -17.01 -1.88 6.42
N ASN D 65 -16.44 -2.26 7.54
CA ASN D 65 -16.79 -1.69 8.79
C ASN D 65 -15.52 -1.36 9.55
N LYS D 66 -15.08 -0.12 9.45
CA LYS D 66 -13.89 0.33 10.14
C LYS D 66 -14.04 0.19 11.65
N ALA D 67 -15.23 0.45 12.15
CA ALA D 67 -15.52 0.35 13.58
C ALA D 67 -15.22 -1.04 14.10
N SER D 68 -15.54 -2.04 13.31
CA SER D 68 -15.29 -3.42 13.71
C SER D 68 -14.02 -3.98 13.10
N GLN D 69 -13.31 -3.15 12.34
CA GLN D 69 -12.11 -3.62 11.68
C GLN D 69 -12.53 -4.90 11.02
N TYR D 70 -13.63 -4.82 10.27
CA TYR D 70 -14.24 -5.97 9.64
C TYR D 70 -14.53 -5.69 8.12
N VAL D 71 -14.05 -6.59 7.23
CA VAL D 71 -14.26 -6.45 5.75
C VAL D 71 -14.78 -7.73 5.18
N SER D 72 -15.93 -7.71 4.55
CA SER D 72 -16.53 -8.93 4.02
C SER D 72 -16.74 -8.96 2.53
N LEU D 73 -17.10 -10.13 2.04
CA LEU D 73 -17.37 -10.35 0.63
C LEU D 73 -18.50 -11.38 0.48
N LEU D 74 -19.50 -11.03 -0.33
CA LEU D 74 -20.61 -11.92 -0.61
C LEU D 74 -20.62 -12.21 -2.09
N ILE D 75 -20.94 -13.45 -2.44
CA ILE D 75 -20.98 -13.84 -3.83
C ILE D 75 -22.36 -14.39 -4.14
N ARG D 76 -23.26 -13.49 -4.44
CA ARG D 76 -24.60 -13.83 -4.75
C ARG D 76 -24.62 -14.85 -5.87
N ASP D 77 -25.64 -15.70 -5.87
CA ASP D 77 -25.81 -16.71 -6.91
C ASP D 77 -24.47 -17.32 -7.31
N SER D 78 -23.84 -18.00 -6.36
CA SER D 78 -22.52 -18.59 -6.57
C SER D 78 -22.48 -19.67 -7.66
N GLN D 79 -21.42 -19.64 -8.47
CA GLN D 79 -21.22 -20.62 -9.55
C GLN D 79 -19.99 -21.50 -9.23
N PRO D 80 -19.93 -22.70 -9.80
CA PRO D 80 -18.81 -23.60 -9.55
C PRO D 80 -17.48 -23.02 -9.98
N SER D 81 -17.52 -22.02 -10.87
CA SER D 81 -16.28 -21.41 -11.36
C SER D 81 -15.78 -20.34 -10.37
N ASP D 82 -16.53 -20.12 -9.31
CA ASP D 82 -16.13 -19.18 -8.29
C ASP D 82 -15.18 -19.85 -7.34
N SER D 83 -15.09 -21.18 -7.45
CA SER D 83 -14.21 -21.94 -6.61
C SER D 83 -12.81 -21.43 -6.76
N ALA D 84 -12.18 -21.12 -5.64
CA ALA D 84 -10.86 -20.59 -5.65
C ALA D 84 -10.46 -20.11 -4.26
N THR D 85 -9.34 -19.43 -4.19
CA THR D 85 -8.87 -18.89 -2.95
C THR D 85 -9.04 -17.41 -3.00
N TYR D 86 -9.69 -16.87 -1.99
CA TYR D 86 -9.95 -15.45 -1.94
C TYR D 86 -9.09 -14.82 -0.93
N LEU D 87 -8.23 -13.94 -1.40
CA LEU D 87 -7.31 -13.29 -0.57
C LEU D 87 -7.75 -11.91 -0.19
N CYS D 88 -7.80 -11.68 1.12
CA CYS D 88 -8.14 -10.42 1.67
C CYS D 88 -6.87 -9.62 1.83
N ALA D 89 -6.92 -8.33 1.48
CA ALA D 89 -5.74 -7.45 1.57
C ALA D 89 -6.05 -6.12 2.24
N VAL D 90 -5.08 -5.59 2.95
CA VAL D 90 -5.24 -4.35 3.64
C VAL D 90 -4.12 -3.37 3.34
N ASN D 91 -4.46 -2.28 2.70
CA ASN D 91 -3.50 -1.26 2.38
C ASN D 91 -3.14 -0.47 3.64
N VAL D 92 -1.97 -0.73 4.19
CA VAL D 92 -1.54 -0.06 5.38
C VAL D 92 -0.02 0.09 5.39
N ALA D 93 0.47 1.13 6.03
CA ALA D 93 1.89 1.39 6.10
C ALA D 93 2.47 1.46 4.69
N GLY D 94 1.78 2.17 3.82
CA GLY D 94 2.21 2.33 2.44
C GLY D 94 2.41 1.02 1.72
N LYS D 95 1.54 0.04 1.98
CA LYS D 95 1.63 -1.26 1.30
C LYS D 95 0.37 -2.07 1.52
N SER D 96 0.38 -3.29 1.00
CA SER D 96 -0.75 -4.20 1.14
C SER D 96 -0.36 -5.42 1.92
N THR D 97 -1.08 -5.67 2.99
CA THR D 97 -0.83 -6.82 3.81
C THR D 97 -1.90 -7.83 3.50
N PHE D 98 -1.49 -9.08 3.31
CA PHE D 98 -2.41 -10.15 2.93
C PHE D 98 -2.70 -11.16 4.01
N GLY D 99 -3.83 -11.81 3.88
CA GLY D 99 -4.19 -12.87 4.76
C GLY D 99 -3.74 -14.13 4.09
N ASP D 100 -3.74 -15.23 4.80
CA ASP D 100 -3.30 -16.48 4.22
C ASP D 100 -4.34 -17.03 3.27
N GLY D 101 -5.35 -16.24 2.98
CA GLY D 101 -6.41 -16.63 2.06
C GLY D 101 -7.43 -17.59 2.62
N THR D 102 -8.55 -17.72 1.92
CA THR D 102 -9.62 -18.63 2.31
C THR D 102 -10.18 -19.38 1.08
N THR D 103 -10.02 -20.70 1.07
CA THR D 103 -10.47 -21.56 -0.04
C THR D 103 -11.97 -21.68 -0.13
N LEU D 104 -12.48 -21.53 -1.34
CA LEU D 104 -13.90 -21.63 -1.60
C LEU D 104 -14.19 -22.77 -2.55
N THR D 105 -15.31 -23.47 -2.33
CA THR D 105 -15.72 -24.61 -3.20
C THR D 105 -17.24 -24.63 -3.42
N VAL D 106 -17.65 -24.26 -4.62
CA VAL D 106 -19.04 -24.23 -4.95
C VAL D 106 -19.46 -25.54 -5.55
N LYS D 107 -19.99 -26.43 -4.72
CA LYS D 107 -20.46 -27.71 -5.20
C LYS D 107 -21.52 -27.46 -6.21
N PRO D 108 -21.40 -28.11 -7.35
CA PRO D 108 -22.40 -27.90 -8.38
C PRO D 108 -23.72 -28.52 -7.98
N ASN D 109 -24.58 -28.70 -8.95
CA ASN D 109 -25.86 -29.28 -8.70
C ASN D 109 -26.22 -30.23 -9.78
N ILE D 110 -26.23 -31.52 -9.46
CA ILE D 110 -26.58 -32.50 -10.42
C ILE D 110 -28.10 -32.64 -10.43
N GLN D 111 -28.74 -32.05 -11.44
CA GLN D 111 -30.21 -32.07 -11.55
C GLN D 111 -30.76 -33.47 -11.40
N ASN D 112 -30.16 -34.40 -12.11
CA ASN D 112 -30.60 -35.79 -12.06
C ASN D 112 -29.45 -36.73 -12.25
N PRO D 113 -28.79 -37.08 -11.16
CA PRO D 113 -27.63 -37.95 -11.08
C PRO D 113 -27.66 -39.13 -12.04
N ASP D 114 -27.05 -40.23 -11.64
CA ASP D 114 -27.00 -41.44 -12.44
C ASP D 114 -25.71 -42.19 -12.11
N PRO D 115 -25.37 -42.26 -10.82
CA PRO D 115 -24.18 -42.92 -10.35
C PRO D 115 -23.86 -44.20 -11.13
N ALA D 116 -22.65 -44.26 -11.67
CA ALA D 116 -22.20 -45.39 -12.43
C ALA D 116 -20.67 -45.45 -12.39
N VAL D 117 -20.13 -46.66 -12.28
CA VAL D 117 -18.68 -46.87 -12.24
C VAL D 117 -18.25 -47.70 -13.42
N TYR D 118 -17.79 -47.03 -14.47
CA TYR D 118 -17.33 -47.71 -15.66
C TYR D 118 -15.85 -47.92 -15.55
N GLN D 119 -15.29 -48.72 -16.45
CA GLN D 119 -13.87 -48.92 -16.47
C GLN D 119 -13.42 -48.60 -17.87
N LEU D 120 -12.35 -47.85 -17.99
CA LEU D 120 -11.83 -47.48 -19.28
C LEU D 120 -10.60 -48.31 -19.65
N ARG D 121 -10.55 -48.75 -20.88
CA ARG D 121 -9.45 -49.56 -21.35
C ARG D 121 -8.36 -48.68 -21.92
N ASP D 122 -7.11 -49.05 -21.67
CA ASP D 122 -5.98 -48.31 -22.17
C ASP D 122 -5.94 -48.43 -23.68
N SER D 123 -6.50 -47.44 -24.37
CA SER D 123 -6.52 -47.46 -25.84
C SER D 123 -5.13 -47.57 -26.34
N LYS D 124 -4.61 -48.79 -26.35
CA LYS D 124 -3.27 -49.02 -26.81
C LYS D 124 -2.60 -49.95 -25.82
N SER D 125 -3.30 -51.03 -25.50
CA SER D 125 -2.81 -52.00 -24.55
C SER D 125 -3.96 -52.50 -23.67
N SER D 126 -4.00 -53.81 -23.46
CA SER D 126 -5.02 -54.42 -22.62
C SER D 126 -4.39 -54.97 -21.34
N ASP D 127 -5.00 -54.66 -20.20
CA ASP D 127 -4.49 -55.09 -18.91
C ASP D 127 -4.43 -53.89 -17.98
N LYS D 128 -3.70 -52.85 -18.39
CA LYS D 128 -3.59 -51.62 -17.62
C LYS D 128 -4.85 -50.78 -17.88
N SER D 129 -5.79 -50.81 -16.94
CA SER D 129 -7.04 -50.06 -17.10
C SER D 129 -7.38 -49.28 -15.84
N VAL D 130 -8.34 -48.39 -15.96
CA VAL D 130 -8.76 -47.56 -14.86
C VAL D 130 -10.24 -47.60 -14.62
N CYS D 131 -10.66 -47.35 -13.39
CA CYS D 131 -12.06 -47.32 -13.04
C CYS D 131 -12.55 -45.89 -12.94
N LEU D 132 -13.67 -45.61 -13.60
CA LEU D 132 -14.25 -44.29 -13.58
C LEU D 132 -15.61 -44.29 -12.91
N PHE D 133 -15.72 -43.52 -11.84
CA PHE D 133 -16.97 -43.35 -11.12
C PHE D 133 -17.45 -41.93 -11.38
N THR D 134 -18.50 -41.79 -12.17
CA THR D 134 -18.98 -40.49 -12.53
C THR D 134 -20.49 -40.30 -12.50
N ASP D 135 -20.91 -39.11 -12.91
CA ASP D 135 -22.32 -38.74 -12.98
C ASP D 135 -23.04 -38.95 -11.66
N PHE D 136 -22.31 -38.90 -10.56
CA PHE D 136 -22.91 -39.06 -9.25
C PHE D 136 -23.43 -37.74 -8.72
N ASP D 137 -24.36 -37.82 -7.78
CA ASP D 137 -24.94 -36.65 -7.19
C ASP D 137 -23.88 -35.74 -6.63
N SER D 138 -24.16 -34.43 -6.64
CA SER D 138 -23.20 -33.46 -6.13
C SER D 138 -22.98 -33.71 -4.65
N GLN D 139 -23.83 -34.57 -4.06
CA GLN D 139 -23.65 -34.99 -2.67
C GLN D 139 -22.97 -36.32 -2.75
N THR D 140 -21.90 -36.49 -2.01
CA THR D 140 -21.14 -37.72 -2.04
C THR D 140 -19.70 -37.39 -2.19
N ASN D 141 -18.92 -37.69 -1.16
CA ASN D 141 -17.52 -37.41 -1.18
C ASN D 141 -16.74 -38.67 -1.51
N VAL D 142 -15.71 -38.53 -2.32
CA VAL D 142 -14.91 -39.65 -2.71
C VAL D 142 -13.83 -39.90 -1.65
N SER D 143 -13.99 -40.98 -0.90
CA SER D 143 -13.06 -41.31 0.15
C SER D 143 -11.73 -41.79 -0.41
N GLN D 144 -10.67 -41.58 0.36
CA GLN D 144 -9.33 -42.00 -0.04
C GLN D 144 -9.25 -43.54 -0.08
N SER D 145 -8.11 -44.06 -0.53
CA SER D 145 -7.94 -45.51 -0.63
C SER D 145 -6.95 -46.07 0.39
N LYS D 146 -6.99 -47.39 0.58
CA LYS D 146 -6.07 -48.07 1.51
C LYS D 146 -5.10 -48.94 0.67
N ASP D 147 -4.14 -49.58 1.34
CA ASP D 147 -3.14 -50.36 0.60
C ASP D 147 -2.77 -49.54 -0.62
N SER D 148 -2.68 -48.23 -0.42
CA SER D 148 -2.34 -47.31 -1.50
C SER D 148 -1.58 -47.99 -2.61
N ASP D 149 -1.84 -49.26 -2.79
CA ASP D 149 -1.28 -49.99 -3.86
C ASP D 149 -2.20 -49.65 -5.01
N VAL D 150 -3.35 -49.10 -4.62
CA VAL D 150 -4.36 -48.66 -5.55
C VAL D 150 -4.49 -47.14 -5.41
N TYR D 151 -4.74 -46.44 -6.52
CA TYR D 151 -4.82 -44.96 -6.50
C TYR D 151 -6.18 -44.46 -6.91
N ILE D 152 -6.72 -43.56 -6.11
CA ILE D 152 -8.02 -42.97 -6.39
C ILE D 152 -7.97 -41.45 -6.21
N THR D 153 -8.44 -40.73 -7.21
CA THR D 153 -8.43 -39.28 -7.17
C THR D 153 -9.73 -38.74 -6.59
N ASP D 154 -9.68 -37.50 -6.11
CA ASP D 154 -10.86 -36.85 -5.56
C ASP D 154 -11.78 -36.44 -6.72
N LYS D 155 -13.07 -36.23 -6.42
CA LYS D 155 -14.05 -35.86 -7.46
C LYS D 155 -13.66 -34.59 -8.23
N CYS D 156 -13.96 -34.61 -9.54
CA CYS D 156 -13.62 -33.51 -10.44
C CYS D 156 -14.84 -33.10 -11.28
N VAL D 157 -15.36 -31.90 -11.03
CA VAL D 157 -16.54 -31.38 -11.77
C VAL D 157 -16.11 -30.83 -13.13
N LEU D 158 -16.57 -31.48 -14.19
CA LEU D 158 -16.19 -31.08 -15.56
C LEU D 158 -17.14 -30.06 -16.16
N ASP D 159 -16.57 -29.08 -16.84
CA ASP D 159 -17.33 -28.04 -17.48
C ASP D 159 -18.40 -28.60 -18.37
N MET D 160 -19.44 -29.13 -17.76
CA MET D 160 -20.56 -29.66 -18.50
C MET D 160 -20.42 -29.45 -20.05
N ARG D 161 -20.50 -28.20 -20.49
CA ARG D 161 -20.35 -27.86 -21.90
C ARG D 161 -21.56 -27.10 -22.45
N SER D 162 -21.62 -26.98 -23.78
CA SER D 162 -22.74 -26.32 -24.46
C SER D 162 -23.95 -27.24 -24.45
N MET D 163 -23.67 -28.53 -24.50
CA MET D 163 -24.69 -29.56 -24.47
C MET D 163 -25.39 -29.52 -23.11
N ASP D 164 -25.15 -28.44 -22.35
CA ASP D 164 -25.74 -28.24 -21.02
C ASP D 164 -25.80 -29.52 -20.19
N PHE D 165 -24.77 -29.74 -19.38
CA PHE D 165 -24.71 -30.91 -18.52
C PHE D 165 -23.43 -30.91 -17.70
N LYS D 166 -23.59 -30.91 -16.39
CA LYS D 166 -22.46 -30.87 -15.47
C LYS D 166 -22.31 -32.22 -14.77
N SER D 167 -21.10 -32.78 -14.80
CA SER D 167 -20.84 -34.09 -14.18
C SER D 167 -19.67 -34.11 -13.20
N ASN D 168 -19.83 -34.89 -12.14
CA ASN D 168 -18.78 -35.10 -11.17
C ASN D 168 -18.10 -36.36 -11.58
N SER D 169 -16.83 -36.51 -11.21
CA SER D 169 -16.12 -37.69 -11.61
C SER D 169 -14.93 -37.97 -10.75
N ALA D 170 -14.62 -39.24 -10.59
CA ALA D 170 -13.47 -39.66 -9.83
C ALA D 170 -12.81 -40.79 -10.58
N VAL D 171 -11.50 -40.90 -10.43
CA VAL D 171 -10.76 -41.93 -11.11
C VAL D 171 -9.99 -42.77 -10.14
N ALA D 172 -9.93 -44.06 -10.41
CA ALA D 172 -9.21 -44.99 -9.57
C ALA D 172 -8.48 -45.98 -10.43
N TRP D 173 -7.31 -46.37 -10.01
CA TRP D 173 -6.53 -47.31 -10.76
C TRP D 173 -5.54 -48.00 -9.87
N SER D 174 -4.88 -49.01 -10.42
CA SER D 174 -3.87 -49.77 -9.69
C SER D 174 -3.38 -50.90 -10.56
N ASN D 175 -2.10 -51.23 -10.41
CA ASN D 175 -1.51 -52.30 -11.19
C ASN D 175 -1.39 -53.60 -10.40
N LYS D 176 -2.52 -54.31 -10.28
CA LYS D 176 -2.55 -55.59 -9.56
C LYS D 176 -3.51 -56.57 -10.20
N SER D 177 -3.29 -57.86 -9.95
CA SER D 177 -4.16 -58.92 -10.47
C SER D 177 -5.32 -59.14 -9.51
N ASP D 178 -6.42 -58.46 -9.78
CA ASP D 178 -7.61 -58.54 -8.95
C ASP D 178 -8.45 -57.29 -9.21
N PHE D 179 -8.07 -56.17 -8.61
CA PHE D 179 -8.76 -54.91 -8.85
C PHE D 179 -9.53 -55.04 -10.15
N ALA D 180 -10.73 -54.48 -10.20
CA ALA D 180 -11.54 -54.57 -11.42
C ALA D 180 -12.79 -53.69 -11.38
N CYS D 181 -12.82 -52.75 -10.44
CA CYS D 181 -13.98 -51.87 -10.31
C CYS D 181 -15.03 -52.54 -9.41
N ALA D 182 -15.03 -52.15 -8.15
CA ALA D 182 -15.96 -52.70 -7.18
C ALA D 182 -15.30 -52.62 -5.80
N ASN D 183 -14.68 -51.47 -5.54
CA ASN D 183 -13.98 -51.23 -4.29
C ASN D 183 -14.31 -49.83 -3.71
N ALA D 184 -13.89 -48.78 -4.44
CA ALA D 184 -14.13 -47.39 -4.03
C ALA D 184 -15.27 -47.29 -3.02
N PHE D 185 -15.59 -48.41 -2.39
CA PHE D 185 -16.65 -48.48 -1.37
C PHE D 185 -17.43 -47.14 -1.12
N ASN D 186 -18.72 -47.11 -1.51
CA ASN D 186 -19.57 -45.91 -1.23
C ASN D 186 -20.67 -45.51 -2.30
N ASN D 187 -21.94 -45.55 -1.86
CA ASN D 187 -23.11 -45.14 -2.70
C ASN D 187 -23.89 -46.28 -3.39
N SER D 188 -25.21 -46.30 -3.17
CA SER D 188 -26.11 -47.32 -3.79
C SER D 188 -26.50 -46.89 -5.19
N ILE D 189 -27.49 -47.58 -5.76
CA ILE D 189 -27.99 -47.27 -7.09
C ILE D 189 -26.86 -46.81 -8.04
N ILE D 190 -25.96 -47.73 -8.38
CA ILE D 190 -24.84 -47.42 -9.30
C ILE D 190 -24.54 -48.64 -10.16
N PRO D 191 -24.66 -48.49 -11.49
CA PRO D 191 -24.41 -49.60 -12.41
C PRO D 191 -22.93 -49.90 -12.61
N GLU D 192 -22.60 -51.19 -12.71
CA GLU D 192 -21.25 -51.62 -12.98
C GLU D 192 -21.16 -52.05 -14.42
N ASP D 193 -21.71 -53.22 -14.73
CA ASP D 193 -21.71 -53.72 -16.12
C ASP D 193 -21.16 -55.16 -16.26
N THR D 194 -20.55 -55.45 -17.41
CA THR D 194 -20.01 -56.79 -17.67
C THR D 194 -21.08 -57.87 -17.48
N SER E 1 -1.35 -8.59 -16.89
CA SER E 1 -0.13 -8.98 -17.64
C SER E 1 0.03 -8.12 -18.88
N GLN E 2 -1.07 -7.53 -19.33
CA GLN E 2 -1.03 -6.64 -20.45
C GLN E 2 -0.36 -5.36 -20.00
N THR E 3 0.47 -5.48 -18.97
CA THR E 3 1.14 -4.34 -18.40
C THR E 3 2.24 -4.78 -17.43
N ILE E 4 2.32 -6.07 -17.17
CA ILE E 4 3.30 -6.62 -16.26
C ILE E 4 3.65 -7.99 -16.75
N HIS E 5 4.94 -8.28 -16.82
CA HIS E 5 5.38 -9.59 -17.31
C HIS E 5 6.42 -10.12 -16.38
N GLN E 6 6.45 -11.44 -16.22
CA GLN E 6 7.35 -12.05 -15.28
C GLN E 6 7.90 -13.39 -15.79
N TRP E 7 9.22 -13.51 -15.84
CA TRP E 7 9.85 -14.73 -16.32
C TRP E 7 11.13 -15.00 -15.55
N PRO E 8 11.53 -16.29 -15.43
CA PRO E 8 10.86 -17.46 -15.98
C PRO E 8 9.60 -17.78 -15.23
N ALA E 9 8.74 -18.59 -15.84
CA ALA E 9 7.46 -18.97 -15.23
C ALA E 9 7.61 -20.15 -14.26
N THR E 10 8.52 -21.04 -14.54
CA THR E 10 8.73 -22.21 -13.71
C THR E 10 10.20 -22.51 -13.59
N LEU E 11 10.67 -22.76 -12.36
CA LEU E 11 12.06 -23.02 -12.13
C LEU E 11 12.29 -24.15 -11.15
N VAL E 12 12.94 -25.20 -11.62
CA VAL E 12 13.31 -26.32 -10.77
C VAL E 12 14.81 -26.27 -10.71
N GLN E 13 15.33 -25.75 -9.61
CA GLN E 13 16.74 -25.55 -9.48
C GLN E 13 17.31 -26.25 -8.21
N PRO E 14 18.62 -26.60 -8.23
CA PRO E 14 19.23 -27.29 -7.11
C PRO E 14 19.77 -26.34 -6.04
N VAL E 15 19.72 -26.78 -4.79
CA VAL E 15 20.18 -25.99 -3.66
C VAL E 15 21.60 -25.50 -3.85
N GLY E 16 21.83 -24.25 -3.47
CA GLY E 16 23.15 -23.64 -3.62
C GLY E 16 23.29 -23.00 -4.97
N SER E 17 22.22 -23.08 -5.76
CA SER E 17 22.19 -22.52 -7.09
C SER E 17 21.82 -21.02 -7.04
N PRO E 18 22.31 -20.23 -8.01
CA PRO E 18 22.02 -18.80 -8.11
C PRO E 18 20.66 -18.52 -8.73
N LEU E 19 20.00 -17.46 -8.30
CA LEU E 19 18.67 -17.14 -8.80
C LEU E 19 18.56 -15.75 -9.41
N SER E 20 17.82 -15.67 -10.50
CA SER E 20 17.57 -14.41 -11.15
C SER E 20 16.14 -14.42 -11.69
N LEU E 21 15.34 -13.44 -11.27
CA LEU E 21 13.96 -13.32 -11.75
C LEU E 21 13.75 -11.95 -12.28
N GLU E 22 13.16 -11.83 -13.47
CA GLU E 22 12.95 -10.53 -14.06
C GLU E 22 11.49 -10.17 -14.20
N CYS E 23 11.21 -8.88 -13.98
CA CYS E 23 9.87 -8.37 -14.05
C CYS E 23 9.84 -7.15 -14.92
N THR E 24 8.91 -7.10 -15.84
CA THR E 24 8.78 -5.97 -16.72
C THR E 24 7.40 -5.43 -16.68
N VAL E 25 7.30 -4.12 -16.63
CA VAL E 25 6.01 -3.47 -16.59
C VAL E 25 5.92 -2.46 -17.71
N GLU E 26 4.80 -2.46 -18.40
CA GLU E 26 4.61 -1.59 -19.52
C GLU E 26 3.21 -0.95 -19.38
N GLY E 27 3.07 0.32 -19.76
CA GLY E 27 1.75 1.01 -19.68
C GLY E 27 1.60 2.05 -18.58
N THR E 28 2.68 2.27 -17.83
CA THR E 28 2.70 3.27 -16.74
C THR E 28 4.12 3.69 -16.48
N SER E 29 4.30 4.64 -15.59
CA SER E 29 5.62 5.11 -15.30
C SER E 29 5.78 5.47 -13.85
N ASN E 30 7.01 5.36 -13.37
CA ASN E 30 7.32 5.67 -11.98
C ASN E 30 6.27 5.07 -11.09
N PRO E 31 6.07 3.77 -11.25
CA PRO E 31 5.12 3.01 -10.52
C PRO E 31 5.74 2.36 -9.32
N ASN E 32 4.91 1.86 -8.43
CA ASN E 32 5.40 1.17 -7.25
C ASN E 32 5.56 -0.29 -7.58
N LEU E 33 6.76 -0.81 -7.42
CA LEU E 33 7.02 -2.22 -7.71
C LEU E 33 7.22 -2.99 -6.43
N TYR E 34 6.71 -4.22 -6.42
CA TYR E 34 6.79 -5.05 -5.25
C TYR E 34 7.11 -6.50 -5.59
N TRP E 35 7.86 -7.15 -4.70
CA TRP E 35 8.13 -8.57 -4.84
C TRP E 35 7.45 -9.31 -3.70
N TYR E 36 6.34 -9.93 -3.98
CA TYR E 36 5.69 -10.74 -2.99
C TYR E 36 6.12 -12.15 -3.22
N ARG E 37 5.80 -13.00 -2.28
CA ARG E 37 6.16 -14.38 -2.38
C ARG E 37 5.11 -15.21 -1.74
N GLN E 38 4.84 -16.37 -2.31
CA GLN E 38 3.81 -17.22 -1.79
C GLN E 38 4.35 -18.60 -1.53
N ALA E 39 4.59 -18.89 -0.28
CA ALA E 39 5.10 -20.18 0.12
C ALA E 39 4.12 -20.79 1.08
N ALA E 40 4.59 -21.71 1.91
CA ALA E 40 3.70 -22.37 2.85
C ALA E 40 2.39 -22.56 2.12
N GLY E 41 1.29 -22.11 2.71
CA GLY E 41 -0.02 -22.21 2.05
C GLY E 41 -0.18 -21.05 1.10
N ARG E 42 -1.21 -20.24 1.34
CA ARG E 42 -1.43 -19.02 0.55
C ARG E 42 -0.90 -17.85 1.32
N GLY E 43 -1.29 -16.66 0.91
CA GLY E 43 -0.83 -15.47 1.57
C GLY E 43 0.47 -14.97 0.96
N LEU E 44 0.46 -13.73 0.57
CA LEU E 44 1.60 -13.12 -0.01
C LEU E 44 2.48 -12.60 1.08
N GLN E 45 3.76 -12.58 0.82
CA GLN E 45 4.70 -12.02 1.76
C GLN E 45 5.49 -10.98 0.97
N LEU E 46 5.68 -9.82 1.56
CA LEU E 46 6.40 -8.77 0.91
C LEU E 46 7.86 -8.92 1.18
N LEU E 47 8.62 -9.16 0.12
CA LEU E 47 10.05 -9.31 0.25
C LEU E 47 10.73 -8.03 -0.07
N PHE E 48 10.27 -7.36 -1.12
CA PHE E 48 10.86 -6.12 -1.53
C PHE E 48 9.87 -5.10 -2.00
N TYR E 49 10.22 -3.83 -1.78
CA TYR E 49 9.40 -2.72 -2.19
C TYR E 49 10.28 -1.56 -2.71
N SER E 50 9.90 -1.00 -3.86
CA SER E 50 10.64 0.10 -4.46
C SER E 50 9.75 1.31 -4.68
N VAL E 51 10.15 2.46 -4.16
CA VAL E 51 9.37 3.67 -4.34
C VAL E 51 9.62 4.20 -5.73
N GLY E 52 10.85 4.02 -6.20
CA GLY E 52 11.22 4.47 -7.52
C GLY E 52 12.48 3.81 -8.05
N ILE E 53 12.90 4.25 -9.22
CA ILE E 53 14.09 3.74 -9.88
C ILE E 53 15.26 3.58 -8.90
N GLY E 54 16.02 2.50 -9.07
CA GLY E 54 17.20 2.23 -8.25
C GLY E 54 16.97 2.32 -6.75
N GLN E 55 15.71 2.36 -6.33
CA GLN E 55 15.39 2.45 -4.90
C GLN E 55 14.72 1.15 -4.42
N ILE E 56 15.48 0.33 -3.71
CA ILE E 56 14.98 -0.91 -3.18
C ILE E 56 14.83 -0.79 -1.70
N SER E 57 14.16 -1.75 -1.09
CA SER E 57 13.97 -1.74 0.33
C SER E 57 13.55 -3.07 0.84
N SER E 58 14.48 -3.82 1.39
CA SER E 58 14.18 -5.13 1.92
C SER E 58 13.18 -4.99 3.04
N GLU E 59 12.24 -5.92 3.10
CA GLU E 59 11.21 -5.87 4.11
C GLU E 59 11.42 -6.93 5.20
N VAL E 60 12.48 -7.72 5.08
CA VAL E 60 12.75 -8.77 6.07
C VAL E 60 14.16 -9.38 5.90
N PRO E 61 14.89 -9.55 7.03
CA PRO E 61 16.19 -10.17 6.94
C PRO E 61 16.11 -11.27 5.94
N GLN E 62 16.75 -11.10 4.80
CA GLN E 62 16.59 -12.04 3.73
C GLN E 62 17.90 -12.55 3.12
N ASN E 63 17.75 -13.38 2.09
CA ASN E 63 18.90 -13.95 1.37
C ASN E 63 18.85 -13.53 -0.08
N LEU E 64 17.69 -13.11 -0.52
CA LEU E 64 17.51 -12.68 -1.87
C LEU E 64 17.83 -11.22 -2.00
N SER E 65 18.12 -10.80 -3.23
CA SER E 65 18.43 -9.43 -3.51
C SER E 65 17.49 -8.93 -4.56
N ALA E 66 17.39 -7.63 -4.68
CA ALA E 66 16.53 -7.05 -5.66
C ALA E 66 17.09 -5.72 -6.10
N SER E 67 16.81 -5.36 -7.33
CA SER E 67 17.29 -4.11 -7.89
C SER E 67 16.31 -3.59 -8.92
N ARG E 68 16.35 -2.30 -9.16
CA ARG E 68 15.49 -1.68 -10.12
C ARG E 68 16.34 -0.80 -10.98
N PRO E 69 17.11 -1.42 -11.90
CA PRO E 69 18.02 -0.78 -12.84
C PRO E 69 17.35 0.17 -13.76
N GLN E 70 16.03 0.18 -13.76
CA GLN E 70 15.32 1.06 -14.62
C GLN E 70 13.86 1.21 -14.18
N ASP E 71 13.28 2.39 -14.45
CA ASP E 71 11.90 2.70 -14.07
C ASP E 71 10.97 1.52 -14.18
N ARG E 72 11.15 0.70 -15.22
CA ARG E 72 10.25 -0.44 -15.41
C ARG E 72 10.92 -1.82 -15.45
N GLN E 73 12.15 -1.93 -14.96
CA GLN E 73 12.83 -3.22 -14.92
C GLN E 73 13.16 -3.61 -13.49
N PHE E 74 12.36 -4.51 -12.95
CA PHE E 74 12.50 -4.95 -11.58
C PHE E 74 13.09 -6.36 -11.58
N ILE E 75 14.06 -6.60 -10.71
CA ILE E 75 14.71 -7.90 -10.67
C ILE E 75 14.89 -8.45 -9.26
N LEU E 76 14.81 -9.78 -9.15
CA LEU E 76 14.99 -10.48 -7.87
C LEU E 76 16.05 -11.51 -8.11
N SER E 77 17.01 -11.61 -7.21
CA SER E 77 18.12 -12.56 -7.39
C SER E 77 18.68 -13.11 -6.08
N SER E 78 19.39 -14.24 -6.18
CA SER E 78 20.01 -14.86 -5.00
C SER E 78 21.43 -15.40 -5.31
N LYS E 79 22.36 -15.16 -4.38
CA LYS E 79 23.73 -15.66 -4.54
C LYS E 79 23.70 -17.17 -4.70
N LYS E 80 22.94 -17.82 -3.83
CA LYS E 80 22.77 -19.26 -3.91
C LYS E 80 21.56 -19.70 -3.09
N LEU E 81 20.54 -20.15 -3.80
CA LEU E 81 19.28 -20.59 -3.21
C LEU E 81 19.40 -21.60 -2.08
N LEU E 82 18.43 -21.54 -1.17
CA LEU E 82 18.33 -22.47 -0.07
C LEU E 82 16.97 -23.08 -0.22
N LEU E 83 16.80 -24.32 0.22
CA LEU E 83 15.48 -24.95 0.11
C LEU E 83 14.41 -23.91 0.47
N SER E 84 14.60 -23.28 1.62
CA SER E 84 13.67 -22.26 2.11
C SER E 84 13.18 -21.35 1.00
N ASP E 85 14.08 -21.00 0.10
CA ASP E 85 13.77 -20.07 -0.98
C ASP E 85 12.64 -20.52 -1.91
N SER E 86 12.31 -21.80 -1.90
CA SER E 86 11.23 -22.29 -2.75
C SER E 86 10.02 -21.45 -2.49
N GLY E 87 9.15 -21.34 -3.47
CA GLY E 87 7.93 -20.55 -3.32
C GLY E 87 7.48 -19.98 -4.65
N PHE E 88 6.32 -19.35 -4.65
CA PHE E 88 5.74 -18.75 -5.85
C PHE E 88 5.95 -17.29 -5.73
N TYR E 89 6.94 -16.77 -6.45
CA TYR E 89 7.27 -15.34 -6.41
C TYR E 89 6.44 -14.51 -7.36
N LEU E 90 5.75 -13.51 -6.80
CA LEU E 90 4.87 -12.63 -7.59
C LEU E 90 5.33 -11.17 -7.61
N CYS E 91 5.40 -10.61 -8.82
CA CYS E 91 5.78 -9.22 -9.02
C CYS E 91 4.52 -8.40 -9.30
N ALA E 92 4.39 -7.24 -8.68
CA ALA E 92 3.23 -6.43 -8.87
C ALA E 92 3.56 -4.96 -8.80
N TRP E 93 2.67 -4.13 -9.34
CA TRP E 93 2.86 -2.71 -9.34
C TRP E 93 1.58 -1.94 -9.04
N SER E 94 1.74 -0.78 -8.43
CA SER E 94 0.64 0.10 -8.13
C SER E 94 1.05 1.44 -8.67
N GLU E 95 0.07 2.26 -9.04
CA GLU E 95 0.37 3.54 -9.65
C GLU E 95 1.18 4.47 -8.83
N THR E 96 2.14 5.11 -9.49
CA THR E 96 2.98 6.06 -8.89
C THR E 96 2.19 6.85 -7.88
N GLY E 97 2.69 6.92 -6.67
CA GLY E 97 2.03 7.65 -5.66
C GLY E 97 1.53 6.77 -4.55
N LEU E 98 0.46 7.19 -3.92
CA LEU E 98 -0.10 6.46 -2.85
C LEU E 98 -1.62 6.65 -2.86
N GLY E 99 -2.27 6.12 -3.89
CA GLY E 99 -3.70 6.28 -4.03
C GLY E 99 -4.51 5.11 -3.53
N THR E 100 -5.58 4.80 -4.26
CA THR E 100 -6.50 3.71 -3.90
C THR E 100 -5.80 2.45 -3.51
N GLY E 101 -4.55 2.34 -3.86
CA GLY E 101 -3.87 1.14 -3.63
C GLY E 101 -4.39 0.23 -4.72
N GLU E 102 -3.96 -1.00 -4.73
CA GLU E 102 -4.37 -1.91 -5.78
C GLU E 102 -3.22 -2.14 -6.64
N LEU E 103 -2.68 -3.33 -6.57
CA LEU E 103 -1.53 -3.67 -7.33
C LEU E 103 -1.90 -4.63 -8.44
N PHE E 104 -1.11 -4.62 -9.50
CA PHE E 104 -1.34 -5.48 -10.62
C PHE E 104 -0.25 -6.52 -10.66
N PHE E 105 -0.63 -7.77 -10.52
CA PHE E 105 0.34 -8.85 -10.50
C PHE E 105 0.70 -9.35 -11.87
N GLY E 106 1.71 -10.20 -11.93
CA GLY E 106 2.15 -10.77 -13.19
C GLY E 106 1.96 -12.29 -13.24
N GLU E 107 2.50 -12.91 -14.27
CA GLU E 107 2.40 -14.34 -14.46
C GLU E 107 2.75 -15.05 -13.14
N GLY E 108 3.76 -14.53 -12.47
CA GLY E 108 4.26 -15.13 -11.26
C GLY E 108 5.37 -16.07 -11.67
N SER E 109 6.16 -16.54 -10.71
CA SER E 109 7.26 -17.46 -11.02
C SER E 109 7.40 -18.53 -9.94
N ARG E 110 7.15 -19.78 -10.31
CA ARG E 110 7.25 -20.86 -9.34
C ARG E 110 8.66 -21.39 -9.27
N LEU E 111 9.21 -21.39 -8.08
CA LEU E 111 10.55 -21.86 -7.87
C LEU E 111 10.60 -23.01 -6.91
N THR E 112 11.00 -24.16 -7.42
CA THR E 112 11.12 -25.31 -6.58
C THR E 112 12.60 -25.59 -6.38
N VAL E 113 13.06 -25.38 -5.15
CA VAL E 113 14.43 -25.65 -4.81
C VAL E 113 14.55 -27.07 -4.38
N LEU E 114 15.23 -27.88 -5.18
CA LEU E 114 15.41 -29.27 -4.84
C LEU E 114 16.73 -29.45 -4.16
N GLU E 115 16.80 -30.44 -3.30
CA GLU E 115 18.00 -30.73 -2.57
C GLU E 115 18.88 -31.72 -3.36
N ASP E 116 18.23 -32.65 -4.05
CA ASP E 116 18.94 -33.66 -4.84
C ASP E 116 18.15 -33.93 -6.15
N LEU E 117 18.62 -33.37 -7.27
CA LEU E 117 17.95 -33.52 -8.56
C LEU E 117 17.70 -34.98 -8.93
N LYS E 118 18.46 -35.86 -8.34
CA LYS E 118 18.33 -37.29 -8.58
C LYS E 118 16.85 -37.73 -8.60
N ASN E 119 16.05 -37.23 -7.66
CA ASN E 119 14.62 -37.62 -7.55
C ASN E 119 13.68 -37.06 -8.62
N VAL E 120 14.21 -36.23 -9.52
CA VAL E 120 13.39 -35.62 -10.56
C VAL E 120 13.06 -36.60 -11.70
N PHE E 121 11.76 -36.75 -11.97
CA PHE E 121 11.26 -37.63 -13.05
C PHE E 121 10.14 -36.97 -13.79
N PRO E 122 10.13 -37.09 -15.12
CA PRO E 122 9.06 -36.54 -15.88
C PRO E 122 7.86 -37.47 -15.76
N PRO E 123 6.71 -37.05 -16.26
CA PRO E 123 5.53 -37.87 -16.17
C PRO E 123 5.37 -38.84 -17.34
N GLU E 124 4.59 -39.89 -17.12
CA GLU E 124 4.27 -40.87 -18.14
C GLU E 124 2.80 -40.82 -18.43
N VAL E 125 2.44 -40.16 -19.52
CA VAL E 125 1.05 -39.99 -19.91
C VAL E 125 0.48 -41.21 -20.59
N ALA E 126 -0.70 -41.62 -20.15
CA ALA E 126 -1.40 -42.80 -20.73
C ALA E 126 -2.89 -42.50 -20.77
N VAL E 127 -3.38 -42.14 -21.94
CA VAL E 127 -4.79 -41.77 -22.09
C VAL E 127 -5.74 -42.96 -22.39
N PHE E 128 -6.64 -43.22 -21.45
CA PHE E 128 -7.63 -44.30 -21.59
C PHE E 128 -8.82 -43.79 -22.38
N GLU E 129 -9.66 -44.69 -22.86
CA GLU E 129 -10.82 -44.30 -23.68
C GLU E 129 -12.15 -44.83 -23.15
N PRO E 130 -13.26 -44.11 -23.49
CA PRO E 130 -14.63 -44.38 -23.10
C PRO E 130 -14.87 -45.82 -22.76
N SER E 131 -16.07 -46.11 -22.25
CA SER E 131 -16.38 -47.45 -21.85
C SER E 131 -17.74 -47.94 -22.31
N GLU E 132 -17.78 -49.23 -22.61
CA GLU E 132 -18.99 -49.93 -23.02
C GLU E 132 -20.27 -49.17 -22.69
N ALA E 133 -20.73 -49.30 -21.45
CA ALA E 133 -21.96 -48.65 -20.99
C ALA E 133 -21.99 -47.17 -21.38
N GLU E 134 -21.38 -46.32 -20.54
CA GLU E 134 -21.38 -44.89 -20.82
C GLU E 134 -21.97 -44.62 -22.20
N ILE E 135 -21.25 -45.05 -23.25
CA ILE E 135 -21.74 -44.88 -24.62
C ILE E 135 -22.83 -45.91 -24.82
N SER E 136 -24.00 -45.63 -24.27
CA SER E 136 -25.09 -46.56 -24.32
C SER E 136 -25.58 -46.69 -22.91
N HIS E 137 -26.12 -45.60 -22.41
CA HIS E 137 -26.61 -45.52 -21.06
C HIS E 137 -26.57 -44.06 -20.73
N THR E 138 -25.65 -43.37 -21.39
CA THR E 138 -25.46 -41.96 -21.21
C THR E 138 -25.30 -41.29 -22.55
N GLN E 139 -25.03 -42.08 -23.58
CA GLN E 139 -24.81 -41.56 -24.89
C GLN E 139 -23.68 -40.54 -24.89
N LYS E 140 -22.83 -40.61 -23.87
CA LYS E 140 -21.69 -39.70 -23.77
C LYS E 140 -20.37 -40.47 -23.86
N ALA E 141 -19.27 -39.75 -24.10
CA ALA E 141 -17.95 -40.37 -24.22
C ALA E 141 -16.92 -39.64 -23.34
N THR E 142 -16.42 -40.34 -22.33
CA THR E 142 -15.46 -39.75 -21.38
C THR E 142 -14.07 -40.40 -21.43
N LEU E 143 -13.16 -39.80 -22.20
CA LEU E 143 -11.80 -40.30 -22.25
C LEU E 143 -11.14 -39.85 -20.98
N VAL E 144 -10.12 -40.58 -20.55
CA VAL E 144 -9.40 -40.23 -19.34
C VAL E 144 -7.91 -40.26 -19.54
N CYS E 145 -7.26 -39.15 -19.26
CA CYS E 145 -5.83 -39.05 -19.38
C CYS E 145 -5.22 -39.27 -18.03
N LEU E 146 -4.06 -39.92 -18.00
CA LEU E 146 -3.44 -40.24 -16.75
C LEU E 146 -1.90 -40.06 -16.74
N ALA E 147 -1.46 -38.92 -16.22
CA ALA E 147 -0.04 -38.63 -16.10
C ALA E 147 0.41 -39.17 -14.77
N THR E 148 1.53 -39.87 -14.76
CA THR E 148 1.99 -40.50 -13.54
C THR E 148 3.49 -40.46 -13.33
N GLY E 149 3.89 -40.78 -12.09
CA GLY E 149 5.31 -40.86 -11.68
C GLY E 149 6.19 -39.62 -11.84
N PHE E 150 5.61 -38.43 -11.78
CA PHE E 150 6.40 -37.23 -11.95
C PHE E 150 6.83 -36.58 -10.65
N TYR E 151 7.79 -35.68 -10.76
CA TYR E 151 8.35 -34.98 -9.63
C TYR E 151 9.45 -34.08 -10.17
N PRO E 152 9.54 -32.83 -9.70
CA PRO E 152 8.75 -32.19 -8.65
C PRO E 152 7.25 -32.11 -8.82
N ASP E 153 6.66 -31.44 -7.85
CA ASP E 153 5.23 -31.28 -7.69
C ASP E 153 4.32 -31.24 -8.89
N HIS E 154 4.28 -30.13 -9.61
CA HIS E 154 3.27 -29.99 -10.67
C HIS E 154 3.76 -29.77 -12.13
N VAL E 155 2.80 -29.92 -13.06
CA VAL E 155 3.00 -29.75 -14.49
C VAL E 155 1.69 -29.18 -15.02
N GLU E 156 1.54 -29.08 -16.35
CA GLU E 156 0.30 -28.51 -16.94
C GLU E 156 -0.31 -29.40 -18.00
N LEU E 157 -1.45 -30.00 -17.66
CA LEU E 157 -2.15 -30.93 -18.57
C LEU E 157 -3.10 -30.23 -19.52
N SER E 158 -3.12 -30.70 -20.76
CA SER E 158 -3.96 -30.09 -21.78
C SER E 158 -4.62 -31.13 -22.70
N TRP E 159 -5.81 -30.78 -23.21
CA TRP E 159 -6.55 -31.65 -24.14
C TRP E 159 -6.61 -31.05 -25.53
N TRP E 160 -6.15 -31.80 -26.51
CA TRP E 160 -6.16 -31.34 -27.87
C TRP E 160 -6.94 -32.29 -28.71
N VAL E 161 -7.90 -31.76 -29.46
CA VAL E 161 -8.72 -32.57 -30.33
C VAL E 161 -8.47 -32.14 -31.74
N ASN E 162 -7.96 -33.07 -32.55
CA ASN E 162 -7.65 -32.75 -33.92
C ASN E 162 -6.92 -31.44 -33.91
N GLY E 163 -5.99 -31.30 -32.97
CA GLY E 163 -5.25 -30.06 -32.82
C GLY E 163 -6.23 -28.98 -32.40
N LYS E 164 -5.71 -27.88 -31.85
CA LYS E 164 -6.58 -26.79 -31.42
C LYS E 164 -6.65 -26.67 -29.90
N GLU E 165 -6.87 -27.79 -29.23
CA GLU E 165 -7.00 -27.79 -27.78
C GLU E 165 -8.41 -27.48 -27.44
N VAL E 166 -8.86 -27.98 -26.31
CA VAL E 166 -10.19 -27.76 -25.89
C VAL E 166 -10.22 -27.48 -24.43
N HIS E 167 -11.20 -26.72 -23.99
CA HIS E 167 -11.34 -26.37 -22.58
C HIS E 167 -12.73 -26.82 -22.07
N SER E 168 -13.66 -26.98 -22.99
CA SER E 168 -15.00 -27.39 -22.65
C SER E 168 -15.05 -28.85 -22.25
N GLY E 169 -16.12 -29.23 -21.57
CA GLY E 169 -16.30 -30.59 -21.15
C GLY E 169 -15.00 -31.24 -20.72
N VAL E 170 -14.21 -30.51 -19.95
CA VAL E 170 -12.93 -31.03 -19.44
C VAL E 170 -12.88 -30.87 -17.93
N CYS E 171 -12.04 -31.65 -17.28
CA CYS E 171 -11.90 -31.60 -15.86
C CYS E 171 -10.63 -32.31 -15.47
N THR E 172 -9.74 -31.60 -14.80
CA THR E 172 -8.49 -32.19 -14.35
C THR E 172 -8.37 -31.98 -12.88
N ASP E 173 -7.83 -32.96 -12.20
CA ASP E 173 -7.68 -32.90 -10.76
C ASP E 173 -7.03 -31.55 -10.29
N PRO E 174 -7.48 -31.01 -9.12
CA PRO E 174 -7.00 -29.75 -8.51
C PRO E 174 -5.51 -29.76 -8.35
N GLN E 175 -4.96 -30.91 -7.99
CA GLN E 175 -3.53 -31.08 -7.89
C GLN E 175 -3.23 -32.57 -7.87
N PRO E 176 -1.96 -32.91 -7.98
CA PRO E 176 -1.55 -34.31 -8.02
C PRO E 176 -1.55 -34.95 -6.68
N LEU E 177 -1.61 -36.28 -6.67
CA LEU E 177 -1.60 -37.03 -5.43
C LEU E 177 -0.33 -37.89 -5.38
N LYS E 178 0.29 -37.99 -4.22
CA LYS E 178 1.50 -38.80 -4.07
C LYS E 178 1.21 -40.24 -4.39
N GLU E 179 2.15 -40.88 -5.08
CA GLU E 179 2.03 -42.29 -5.41
C GLU E 179 2.52 -43.10 -4.23
N GLN E 180 2.59 -42.44 -3.08
CA GLN E 180 3.02 -43.07 -1.86
C GLN E 180 3.43 -42.02 -0.85
N PRO E 181 2.43 -41.43 -0.18
CA PRO E 181 2.62 -40.38 0.82
C PRO E 181 3.77 -40.69 1.76
N ALA E 182 4.06 -41.97 1.92
CA ALA E 182 5.11 -42.39 2.79
C ALA E 182 6.48 -42.28 2.10
N LEU E 183 7.03 -41.06 2.06
CA LEU E 183 8.36 -40.86 1.46
C LEU E 183 8.77 -39.38 1.26
N ASN E 184 7.80 -38.52 0.95
CA ASN E 184 8.09 -37.11 0.72
C ASN E 184 8.49 -36.91 -0.71
N ASP E 185 9.56 -37.59 -1.10
CA ASP E 185 10.07 -37.52 -2.46
C ASP E 185 9.04 -38.07 -3.42
N SER E 186 8.24 -39.00 -2.92
CA SER E 186 7.22 -39.63 -3.73
C SER E 186 6.92 -38.85 -4.97
N ARG E 187 6.77 -39.56 -6.07
CA ARG E 187 6.45 -38.98 -7.33
C ARG E 187 4.93 -38.82 -7.35
N TYR E 188 4.39 -38.10 -8.32
CA TYR E 188 2.94 -37.85 -8.33
C TYR E 188 2.18 -38.34 -9.54
N ALA E 189 0.87 -38.27 -9.43
CA ALA E 189 -0.02 -38.63 -10.51
C ALA E 189 -1.12 -37.57 -10.60
N LEU E 190 -1.84 -37.56 -11.70
CA LEU E 190 -2.86 -36.59 -11.93
C LEU E 190 -3.73 -37.06 -13.07
N SER E 191 -5.01 -36.78 -13.01
CA SER E 191 -5.91 -37.21 -14.05
C SER E 191 -6.78 -36.08 -14.55
N SER E 192 -7.35 -36.27 -15.74
CA SER E 192 -8.30 -35.32 -16.31
C SER E 192 -9.22 -36.11 -17.18
N ARG E 193 -10.41 -35.57 -17.42
CA ARG E 193 -11.36 -36.24 -18.25
C ARG E 193 -11.87 -35.33 -19.34
N LEU E 194 -12.03 -35.89 -20.52
CA LEU E 194 -12.59 -35.19 -21.63
C LEU E 194 -13.78 -36.00 -22.04
N ARG E 195 -14.97 -35.45 -21.83
CA ARG E 195 -16.19 -36.15 -22.18
C ARG E 195 -16.80 -35.47 -23.37
N VAL E 196 -17.14 -36.24 -24.38
CA VAL E 196 -17.71 -35.69 -25.59
C VAL E 196 -18.76 -36.60 -26.15
N SER E 197 -19.83 -36.01 -26.68
CA SER E 197 -20.92 -36.79 -27.25
C SER E 197 -20.42 -38.11 -27.82
N ALA E 198 -21.11 -39.19 -27.44
CA ALA E 198 -20.74 -40.52 -27.89
C ALA E 198 -20.59 -40.57 -29.40
N THR E 199 -21.40 -39.79 -30.10
CA THR E 199 -21.36 -39.76 -31.55
C THR E 199 -20.08 -39.08 -32.08
N PHE E 200 -19.46 -38.25 -31.24
CA PHE E 200 -18.25 -37.52 -31.62
C PHE E 200 -17.02 -38.44 -31.42
N TRP E 201 -17.11 -39.29 -30.41
CA TRP E 201 -16.06 -40.23 -30.13
C TRP E 201 -16.09 -41.37 -31.14
N GLN E 202 -17.27 -41.93 -31.35
CA GLN E 202 -17.45 -43.03 -32.29
C GLN E 202 -16.99 -42.67 -33.70
N ASP E 203 -16.98 -41.37 -34.00
CA ASP E 203 -16.57 -40.90 -35.33
C ASP E 203 -15.10 -41.07 -35.60
N PRO E 204 -14.67 -42.29 -35.92
CA PRO E 204 -13.26 -42.39 -36.24
C PRO E 204 -12.89 -41.19 -37.08
N ARG E 205 -11.66 -40.71 -36.96
CA ARG E 205 -11.26 -39.54 -37.71
C ARG E 205 -11.02 -38.40 -36.75
N ASN E 206 -11.75 -38.41 -35.64
CA ASN E 206 -11.57 -37.42 -34.58
C ASN E 206 -10.44 -37.87 -33.69
N HIS E 207 -9.33 -37.16 -33.79
CA HIS E 207 -8.17 -37.48 -33.04
C HIS E 207 -8.18 -36.82 -31.67
N PHE E 208 -8.02 -37.64 -30.65
CA PHE E 208 -7.95 -37.14 -29.29
C PHE E 208 -6.53 -37.28 -28.79
N ARG E 209 -6.10 -36.37 -27.96
CA ARG E 209 -4.77 -36.39 -27.45
C ARG E 209 -4.61 -35.58 -26.17
N CYS E 210 -4.11 -36.25 -25.15
CA CYS E 210 -3.85 -35.61 -23.91
C CYS E 210 -2.43 -35.14 -23.96
N GLN E 211 -2.16 -33.98 -23.38
CA GLN E 211 -0.84 -33.41 -23.42
C GLN E 211 -0.40 -32.80 -22.08
N VAL E 212 0.58 -33.43 -21.45
CA VAL E 212 1.11 -32.94 -20.18
C VAL E 212 2.38 -32.12 -20.43
N GLN E 213 2.44 -30.95 -19.83
CA GLN E 213 3.59 -30.07 -20.00
C GLN E 213 4.39 -30.10 -18.70
N PHE E 214 5.50 -30.84 -18.71
CA PHE E 214 6.34 -30.99 -17.53
C PHE E 214 7.47 -29.97 -17.47
N TYR E 215 7.73 -29.44 -16.27
CA TYR E 215 8.84 -28.46 -16.05
C TYR E 215 9.88 -29.10 -15.16
N GLY E 216 11.09 -29.23 -15.66
CA GLY E 216 12.12 -29.85 -14.89
C GLY E 216 13.46 -29.19 -15.01
N LEU E 217 14.50 -30.02 -15.09
CA LEU E 217 15.86 -29.54 -15.19
C LEU E 217 16.07 -28.68 -16.42
N SER E 218 17.23 -28.05 -16.52
CA SER E 218 17.54 -27.19 -17.63
C SER E 218 18.84 -27.60 -18.34
N GLU E 219 18.89 -27.38 -19.66
CA GLU E 219 20.08 -27.68 -20.44
C GLU E 219 21.26 -27.06 -19.69
N ASN E 220 22.41 -27.70 -19.76
CA ASN E 220 23.57 -27.23 -19.05
C ASN E 220 23.21 -27.13 -17.57
N ASP E 221 23.02 -28.30 -16.96
CA ASP E 221 22.65 -28.43 -15.57
C ASP E 221 23.13 -29.82 -15.14
N GLU E 222 24.25 -29.86 -14.42
CA GLU E 222 24.86 -31.15 -13.99
C GLU E 222 23.83 -32.26 -13.78
N TRP E 223 24.20 -33.48 -14.18
CA TRP E 223 23.33 -34.64 -14.08
C TRP E 223 24.16 -35.94 -14.21
N THR E 224 24.32 -36.66 -13.11
CA THR E 224 25.14 -37.87 -13.10
C THR E 224 24.35 -39.17 -13.38
N GLN E 225 23.05 -39.16 -13.14
CA GLN E 225 22.21 -40.34 -13.34
C GLN E 225 22.41 -40.97 -14.72
N ASP E 226 22.40 -42.29 -14.75
CA ASP E 226 22.60 -43.02 -15.98
C ASP E 226 21.58 -42.58 -17.06
N ARG E 227 20.31 -42.51 -16.68
CA ARG E 227 19.22 -42.14 -17.60
C ARG E 227 19.33 -40.72 -18.15
N ALA E 228 18.48 -40.42 -19.12
CA ALA E 228 18.48 -39.11 -19.77
C ALA E 228 18.10 -38.00 -18.80
N LYS E 229 18.61 -36.81 -19.05
CA LYS E 229 18.34 -35.67 -18.20
C LYS E 229 16.84 -35.30 -18.23
N PRO E 230 16.17 -35.39 -17.08
CA PRO E 230 14.75 -35.08 -16.93
C PRO E 230 14.46 -33.56 -16.98
N VAL E 231 14.58 -32.97 -18.17
CA VAL E 231 14.35 -31.55 -18.35
C VAL E 231 12.93 -31.28 -18.82
N THR E 232 12.55 -30.00 -18.78
CA THR E 232 11.23 -29.60 -19.21
C THR E 232 10.90 -30.25 -20.56
N GLN E 233 9.65 -30.61 -20.75
CA GLN E 233 9.23 -31.28 -21.97
C GLN E 233 7.75 -31.57 -21.96
N ILE E 234 7.23 -31.91 -23.15
CA ILE E 234 5.82 -32.26 -23.28
C ILE E 234 5.72 -33.77 -23.49
N VAL E 235 4.95 -34.41 -22.65
CA VAL E 235 4.76 -35.84 -22.70
C VAL E 235 3.28 -36.10 -22.85
N SER E 236 2.86 -36.56 -24.02
CA SER E 236 1.43 -36.78 -24.26
C SER E 236 1.06 -38.16 -24.80
N ALA E 237 -0.25 -38.39 -24.92
CA ALA E 237 -0.80 -39.66 -25.44
C ALA E 237 -1.89 -39.31 -26.44
N GLU E 238 -2.25 -40.28 -27.30
CA GLU E 238 -3.25 -40.02 -28.33
C GLU E 238 -4.40 -41.00 -28.30
N ALA E 239 -5.22 -40.94 -29.33
CA ALA E 239 -6.38 -41.82 -29.48
C ALA E 239 -7.22 -41.28 -30.62
N TRP E 240 -7.91 -42.15 -31.31
CA TRP E 240 -8.72 -41.72 -32.44
C TRP E 240 -10.18 -42.03 -32.27
N GLY E 241 -11.00 -41.42 -33.12
CA GLY E 241 -12.43 -41.62 -33.10
C GLY E 241 -12.73 -43.07 -33.38
N ARG E 242 -13.14 -43.79 -32.34
CA ARG E 242 -13.44 -45.21 -32.46
C ARG E 242 -14.94 -45.53 -32.49
N ALA E 243 -15.40 -46.11 -33.59
CA ALA E 243 -16.76 -46.54 -33.68
C ALA E 243 -16.84 -47.71 -32.70
N ASP E 244 -17.98 -48.37 -32.62
CA ASP E 244 -18.13 -49.50 -31.70
C ASP E 244 -17.27 -49.28 -30.44
C1 GOL F . -14.28 15.28 24.55
O1 GOL F . -13.89 16.61 24.68
C2 GOL F . -13.56 14.58 25.68
O2 GOL F . -12.38 15.29 25.93
C3 GOL F . -13.28 13.14 25.34
O3 GOL F . -12.68 12.50 26.44
S SO4 G . 0.02 24.99 12.20
O1 SO4 G . -0.17 26.19 11.37
O2 SO4 G . 1.38 24.49 12.06
O3 SO4 G . -0.22 25.33 13.60
O4 SO4 G . -0.91 23.95 11.77
S SO4 H . 3.50 30.82 14.40
O1 SO4 H . 3.68 32.22 14.74
O2 SO4 H . 4.78 30.15 14.37
O3 SO4 H . 2.59 30.24 15.37
O4 SO4 H . 2.89 30.68 13.10
C1 GOL I . 21.63 -23.60 -15.54
O1 GOL I . 21.70 -24.72 -16.38
C2 GOL I . 20.73 -23.86 -14.33
O2 GOL I . 20.12 -22.67 -13.92
C3 GOL I . 21.54 -24.39 -13.17
O3 GOL I . 20.62 -24.90 -12.26
#